data_5MP7
#
_entry.id   5MP7
#
_cell.length_a   85.292
_cell.length_b   85.292
_cell.length_c   249.791
_cell.angle_alpha   90.00
_cell.angle_beta   90.00
_cell.angle_gamma   90.00
#
_symmetry.space_group_name_H-M   'P 41 21 2'
#
loop_
_entity.id
_entity.type
_entity.pdbx_description
1 polymer 'Ribose-phosphate pyrophosphokinase'
2 non-polymer 'ACETATE ION'
3 water water
#
_entity_poly.entity_id   1
_entity_poly.type   'polypeptide(L)'
_entity_poly.pdbx_seq_one_letter_code
;MATDWTDNRKNLMLFAGRAHPELADQVAKELDVAVTAQTARDFANGEIFVRFDESVRGCDAFVLQSHPAPLNQWLMEQLI
MIDALKRGSAKRITAILPFYPYARQDKKHRGREPISARLVADLLKTAGADRIVSVDLHTDQIQGFFDGPVDHMRAQKLLT
GYIGEHYADEDMVVVSPDSGRVRVAEKWADSLGGVPLAFIHKTRDPLVPNQVKSNRVVGDVKGKTCILTDDMIDTGGTIA
GAVNLLREDGAKDVIIAATHGVLSDPAPQRLAECGAREVIVTNTLPITEDKRFPQLTVLSIAPLLANTIRAVFENGSVTG
LFDGSA
;
_entity_poly.pdbx_strand_id   A,C,B
#
loop_
_chem_comp.id
_chem_comp.type
_chem_comp.name
_chem_comp.formula
ACT non-polymer 'ACETATE ION' 'C2 H3 O2 -1'
#
# COMPACT_ATOMS: atom_id res chain seq x y z
N LYS A 10 12.23 -31.86 -27.24
CA LYS A 10 11.77 -30.42 -27.23
C LYS A 10 10.37 -30.20 -26.70
N ASN A 11 10.24 -29.27 -25.78
CA ASN A 11 8.97 -29.07 -25.12
C ASN A 11 8.72 -27.56 -24.93
N LEU A 12 7.64 -27.06 -25.53
CA LEU A 12 7.32 -25.63 -25.49
C LEU A 12 6.53 -25.32 -24.23
N MET A 13 7.01 -24.39 -23.43
CA MET A 13 6.28 -23.93 -22.28
C MET A 13 6.16 -22.43 -22.25
N LEU A 14 4.96 -21.99 -21.96
CA LEU A 14 4.61 -20.61 -22.00
C LEU A 14 4.34 -20.18 -20.56
N PHE A 15 5.01 -19.13 -20.14
CA PHE A 15 4.85 -18.55 -18.81
C PHE A 15 4.36 -17.12 -19.00
N ALA A 16 3.57 -16.63 -18.06
CA ALA A 16 3.03 -15.29 -18.16
C ALA A 16 3.01 -14.62 -16.82
N GLY A 17 3.39 -13.36 -16.82
CA GLY A 17 3.17 -12.53 -15.65
C GLY A 17 1.73 -12.03 -15.56
N ARG A 18 1.42 -11.35 -14.46
CA ARG A 18 0.06 -10.93 -14.13
C ARG A 18 -0.39 -9.62 -14.76
N ALA A 19 0.51 -8.88 -15.41
CA ALA A 19 0.18 -7.56 -15.93
C ALA A 19 -0.89 -7.52 -17.04
N HIS A 20 -0.93 -8.53 -17.92
CA HIS A 20 -1.78 -8.42 -19.05
C HIS A 20 -2.29 -9.77 -19.39
N PRO A 21 -3.25 -10.27 -18.58
CA PRO A 21 -3.82 -11.62 -18.74
C PRO A 21 -4.59 -11.90 -20.06
N GLU A 22 -5.28 -10.93 -20.62
CA GLU A 22 -5.96 -11.14 -21.91
C GLU A 22 -5.00 -11.47 -23.03
N LEU A 23 -3.86 -10.79 -23.07
CA LEU A 23 -2.89 -11.06 -24.13
C LEU A 23 -2.35 -12.47 -23.99
N ALA A 24 -2.02 -12.84 -22.75
CA ALA A 24 -1.48 -14.17 -22.48
C ALA A 24 -2.43 -15.28 -22.91
N ASP A 25 -3.69 -15.08 -22.59
CA ASP A 25 -4.75 -16.02 -22.97
C ASP A 25 -4.91 -16.08 -24.48
N GLN A 26 -4.89 -14.93 -25.18
CA GLN A 26 -4.99 -14.93 -26.65
C GLN A 26 -3.81 -15.65 -27.31
N VAL A 27 -2.60 -15.46 -26.79
CA VAL A 27 -1.42 -16.09 -27.36
C VAL A 27 -1.46 -17.60 -27.14
N ALA A 28 -1.81 -18.00 -25.92
CA ALA A 28 -1.98 -19.40 -25.55
C ALA A 28 -2.98 -20.12 -26.45
N LYS A 29 -4.11 -19.48 -26.71
CA LYS A 29 -5.11 -20.05 -27.63
C LYS A 29 -4.60 -20.24 -29.01
N GLU A 30 -3.87 -19.28 -29.55
CA GLU A 30 -3.30 -19.38 -30.93
C GLU A 30 -2.31 -20.53 -31.05
N LEU A 31 -1.54 -20.77 -29.98
CA LEU A 31 -0.53 -21.83 -29.96
C LEU A 31 -1.09 -23.17 -29.55
N ASP A 32 -2.29 -23.18 -28.95
CA ASP A 32 -2.91 -24.39 -28.39
C ASP A 32 -2.09 -24.99 -27.26
N VAL A 33 -1.55 -24.11 -26.43
CA VAL A 33 -0.74 -24.55 -25.30
C VAL A 33 -1.24 -23.81 -24.10
N ALA A 34 -1.46 -24.50 -22.98
CA ALA A 34 -1.90 -23.84 -21.75
C ALA A 34 -0.73 -23.07 -21.15
N VAL A 35 -1.06 -21.97 -20.48
CA VAL A 35 -0.09 -21.21 -19.70
C VAL A 35 0.29 -22.07 -18.51
N THR A 36 1.57 -22.12 -18.20
CA THR A 36 2.09 -22.95 -17.13
C THR A 36 1.65 -22.40 -15.78
N ALA A 37 1.21 -23.31 -14.92
CA ALA A 37 0.62 -22.96 -13.63
C ALA A 37 1.69 -22.41 -12.73
N GLN A 38 1.36 -21.34 -12.03
CA GLN A 38 2.28 -20.78 -11.09
C GLN A 38 1.56 -20.00 -10.03
N THR A 39 2.20 -19.87 -8.89
CA THR A 39 1.77 -18.96 -7.85
C THR A 39 2.56 -17.66 -8.01
N ALA A 40 1.87 -16.54 -8.17
CA ALA A 40 2.53 -15.23 -8.29
C ALA A 40 1.77 -14.26 -7.42
N ARG A 41 2.43 -13.77 -6.38
CA ARG A 41 1.80 -12.94 -5.36
C ARG A 41 2.76 -11.93 -4.76
N ASP A 42 2.19 -10.90 -4.14
CA ASP A 42 2.94 -9.80 -3.55
C ASP A 42 2.86 -9.86 -2.03
N PHE A 43 4.01 -9.76 -1.38
CA PHE A 43 4.05 -9.38 0.04
C PHE A 43 3.68 -7.92 0.18
N ALA A 44 3.21 -7.53 1.36
CA ALA A 44 2.73 -6.17 1.61
C ALA A 44 3.84 -5.17 1.34
N ASN A 45 5.05 -5.61 1.68
CA ASN A 45 6.33 -5.01 1.26
C ASN A 45 6.41 -4.52 -0.20
N GLY A 46 5.87 -5.31 -1.14
CA GLY A 46 6.03 -5.11 -2.59
C GLY A 46 6.90 -6.21 -3.21
N GLU A 47 7.64 -6.96 -2.39
CA GLU A 47 8.41 -8.10 -2.87
C GLU A 47 7.50 -9.10 -3.55
N ILE A 48 7.94 -9.59 -4.69
CA ILE A 48 7.19 -10.57 -5.46
C ILE A 48 7.64 -11.99 -5.13
N PHE A 49 6.67 -12.89 -4.99
CA PHE A 49 6.91 -14.29 -4.76
C PHE A 49 6.46 -15.04 -5.99
N VAL A 50 7.30 -15.94 -6.48
CA VAL A 50 7.00 -16.69 -7.69
C VAL A 50 7.28 -18.14 -7.41
N ARG A 51 6.39 -19.03 -7.81
CA ARG A 51 6.67 -20.46 -7.75
C ARG A 51 5.99 -21.21 -8.88
N PHE A 52 6.72 -22.07 -9.57
CA PHE A 52 6.13 -22.83 -10.66
C PHE A 52 5.48 -24.08 -10.11
N ASP A 53 4.28 -24.38 -10.56
CA ASP A 53 3.51 -25.48 -10.00
C ASP A 53 3.49 -26.74 -10.86
N GLU A 54 4.38 -26.80 -11.85
CA GLU A 54 4.67 -28.04 -12.58
C GLU A 54 6.13 -28.00 -12.99
N SER A 55 6.65 -29.12 -13.49
CA SER A 55 8.07 -29.22 -13.84
C SER A 55 8.44 -28.32 -15.02
N VAL A 56 9.60 -27.68 -14.95
CA VAL A 56 10.08 -26.85 -16.06
C VAL A 56 11.42 -27.31 -16.62
N ARG A 57 11.96 -28.37 -16.08
CA ARG A 57 13.24 -28.94 -16.48
C ARG A 57 13.22 -29.32 -17.96
N GLY A 58 14.20 -28.82 -18.71
CA GLY A 58 14.38 -29.16 -20.13
C GLY A 58 13.53 -28.47 -21.16
N CYS A 59 12.71 -27.51 -20.74
CA CYS A 59 11.77 -26.85 -21.63
C CYS A 59 12.39 -25.68 -22.44
N ASP A 60 11.73 -25.37 -23.54
CA ASP A 60 11.95 -24.14 -24.27
C ASP A 60 10.90 -23.17 -23.73
N ALA A 61 11.33 -22.20 -22.93
CA ALA A 61 10.44 -21.36 -22.17
C ALA A 61 10.29 -20.03 -22.85
N PHE A 62 9.05 -19.55 -22.89
CA PHE A 62 8.72 -18.21 -23.39
C PHE A 62 8.03 -17.46 -22.27
N VAL A 63 8.64 -16.39 -21.80
CA VAL A 63 8.16 -15.69 -20.62
C VAL A 63 7.56 -14.39 -21.08
N LEU A 64 6.23 -14.30 -21.07
CA LEU A 64 5.52 -13.19 -21.61
C LEU A 64 5.12 -12.22 -20.51
N GLN A 65 5.60 -10.99 -20.60
CA GLN A 65 5.20 -9.97 -19.68
C GLN A 65 5.03 -8.64 -20.42
N SER A 66 3.86 -8.05 -20.28
CA SER A 66 3.63 -6.67 -20.68
C SER A 66 3.99 -5.72 -19.51
N HIS A 67 4.19 -4.43 -19.78
CA HIS A 67 4.75 -3.51 -18.78
C HIS A 67 3.96 -2.23 -18.70
N PRO A 68 2.68 -2.33 -18.33
CA PRO A 68 1.93 -1.14 -18.02
C PRO A 68 2.32 -0.56 -16.64
N ALA A 69 1.76 0.59 -16.30
CA ALA A 69 1.89 1.18 -14.97
C ALA A 69 1.28 0.26 -13.91
N PRO A 70 1.92 0.05 -12.76
CA PRO A 70 3.29 0.49 -12.42
C PRO A 70 4.41 -0.44 -12.97
N LEU A 71 5.28 0.11 -13.78
CA LEU A 71 6.12 -0.68 -14.72
C LEU A 71 7.29 -1.47 -14.09
N ASN A 72 7.91 -0.92 -13.06
CA ASN A 72 9.07 -1.53 -12.44
C ASN A 72 8.78 -2.84 -11.71
N GLN A 73 7.60 -2.92 -11.13
CA GLN A 73 7.08 -4.14 -10.56
C GLN A 73 7.01 -5.28 -11.59
N TRP A 74 6.57 -4.97 -12.80
CA TRP A 74 6.38 -6.02 -13.81
C TRP A 74 7.70 -6.44 -14.41
N LEU A 75 8.62 -5.50 -14.49
CA LEU A 75 9.98 -5.80 -14.92
C LEU A 75 10.71 -6.72 -13.94
N MET A 76 10.60 -6.43 -12.64
CA MET A 76 11.13 -7.35 -11.61
C MET A 76 10.46 -8.71 -11.62
N GLU A 77 9.14 -8.77 -11.86
CA GLU A 77 8.48 -10.06 -11.93
C GLU A 77 9.03 -10.92 -13.07
N GLN A 78 9.24 -10.31 -14.23
CA GLN A 78 9.83 -11.01 -15.36
C GLN A 78 11.24 -11.49 -15.07
N LEU A 79 12.07 -10.64 -14.46
CA LEU A 79 13.43 -11.05 -14.10
C LEU A 79 13.44 -12.18 -13.08
N ILE A 80 12.53 -12.14 -12.11
CA ILE A 80 12.41 -13.20 -11.09
C ILE A 80 11.99 -14.54 -11.72
N MET A 81 11.04 -14.51 -12.65
CA MET A 81 10.64 -15.70 -13.38
C MET A 81 11.76 -16.28 -14.21
N ILE A 82 12.52 -15.43 -14.85
CA ILE A 82 13.66 -15.89 -15.64
C ILE A 82 14.75 -16.54 -14.74
N ASP A 83 15.04 -15.96 -13.58
CA ASP A 83 15.94 -16.57 -12.56
C ASP A 83 15.46 -17.95 -12.17
N ALA A 84 14.17 -18.07 -11.92
CA ALA A 84 13.63 -19.35 -11.50
C ALA A 84 13.75 -20.42 -12.59
N LEU A 85 13.53 -20.04 -13.84
CA LEU A 85 13.68 -20.97 -14.95
C LEU A 85 15.15 -21.34 -15.15
N LYS A 86 16.04 -20.39 -14.96
CA LYS A 86 17.44 -20.69 -15.04
C LYS A 86 17.88 -21.71 -13.97
N ARG A 87 17.41 -21.54 -12.74
CA ARG A 87 17.73 -22.50 -11.65
C ARG A 87 16.92 -23.79 -11.70
N GLY A 88 15.83 -23.80 -12.46
CA GLY A 88 15.05 -24.98 -12.67
C GLY A 88 15.44 -25.75 -13.90
N SER A 89 16.59 -25.44 -14.51
CA SER A 89 17.13 -26.19 -15.67
C SER A 89 16.31 -26.13 -16.92
N ALA A 90 15.72 -24.97 -17.19
CA ALA A 90 15.15 -24.72 -18.51
C ALA A 90 16.29 -24.69 -19.55
N LYS A 91 16.04 -25.28 -20.69
CA LYS A 91 17.05 -25.43 -21.73
C LYS A 91 17.32 -24.09 -22.44
N ARG A 92 16.27 -23.40 -22.84
CA ARG A 92 16.34 -22.13 -23.55
C ARG A 92 15.27 -21.19 -22.98
N ILE A 93 15.62 -19.92 -22.75
CA ILE A 93 14.69 -18.93 -22.21
C ILE A 93 14.58 -17.72 -23.14
N THR A 94 13.40 -17.47 -23.65
CA THR A 94 13.14 -16.28 -24.44
C THR A 94 12.22 -15.33 -23.65
N ALA A 95 12.64 -14.09 -23.46
CA ALA A 95 11.82 -13.08 -22.85
C ALA A 95 11.03 -12.34 -23.93
N ILE A 96 9.75 -12.21 -23.73
CA ILE A 96 8.90 -11.48 -24.65
C ILE A 96 8.43 -10.21 -23.95
N LEU A 97 8.79 -9.07 -24.50
CA LEU A 97 8.40 -7.79 -23.92
C LEU A 97 7.69 -6.98 -24.99
N PRO A 98 6.36 -7.13 -25.13
CA PRO A 98 5.69 -6.52 -26.27
C PRO A 98 5.91 -5.01 -26.30
N PHE A 99 5.89 -4.35 -25.15
CA PHE A 99 6.31 -2.97 -25.02
C PHE A 99 7.61 -2.97 -24.20
N TYR A 100 8.71 -2.56 -24.82
CA TYR A 100 10.03 -2.63 -24.20
C TYR A 100 10.18 -1.49 -23.18
N PRO A 101 10.29 -1.81 -21.91
CA PRO A 101 10.41 -0.76 -20.92
C PRO A 101 11.73 0.01 -21.01
N TYR A 102 11.64 1.32 -20.77
CA TYR A 102 12.71 2.27 -20.82
C TYR A 102 13.23 2.51 -22.21
N ALA A 103 12.49 2.12 -23.24
CA ALA A 103 12.95 2.29 -24.65
C ALA A 103 13.21 3.73 -25.01
N ARG A 104 12.48 4.67 -24.41
CA ARG A 104 12.72 6.07 -24.67
C ARG A 104 14.05 6.61 -24.13
N GLN A 105 14.57 6.00 -23.06
CA GLN A 105 15.91 6.33 -22.56
C GLN A 105 17.00 5.47 -23.21
N ASP A 106 17.24 5.68 -24.52
CA ASP A 106 18.21 4.87 -25.34
C ASP A 106 19.49 5.63 -25.72
N LYS A 107 19.66 6.80 -25.11
CA LYS A 107 20.85 7.64 -25.27
C LYS A 107 20.90 8.67 -24.14
N LYS A 108 22.01 9.37 -24.03
CA LYS A 108 22.21 10.30 -22.92
C LYS A 108 21.56 11.67 -23.04
N HIS A 109 21.16 12.10 -24.25
CA HIS A 109 20.56 13.43 -24.45
C HIS A 109 21.67 14.47 -24.08
N ARG A 110 21.40 15.44 -23.19
CA ARG A 110 22.45 16.36 -22.73
C ARG A 110 23.57 15.58 -22.04
N GLY A 111 23.21 14.78 -21.03
CA GLY A 111 24.18 14.03 -20.29
C GLY A 111 24.11 14.01 -18.81
N ARG A 112 24.96 13.15 -18.29
CA ARG A 112 25.02 12.68 -16.90
C ARG A 112 23.72 11.87 -16.59
N GLU A 113 23.34 11.11 -17.61
CA GLU A 113 22.15 10.34 -17.59
C GLU A 113 22.54 8.88 -17.78
N PRO A 114 21.64 7.98 -17.43
CA PRO A 114 21.79 6.57 -17.78
C PRO A 114 21.31 6.26 -19.19
N ILE A 115 21.72 5.12 -19.71
CA ILE A 115 21.09 4.57 -20.89
C ILE A 115 20.27 3.41 -20.41
N SER A 116 19.09 3.72 -19.92
CA SER A 116 18.24 2.74 -19.25
C SER A 116 17.81 1.58 -20.12
N ALA A 117 17.63 1.81 -21.42
CA ALA A 117 17.25 0.74 -22.34
C ALA A 117 18.35 -0.31 -22.43
N ARG A 118 19.60 0.12 -22.33
CA ARG A 118 20.74 -0.79 -22.35
C ARG A 118 20.80 -1.55 -21.01
N LEU A 119 20.49 -0.87 -19.92
CA LEU A 119 20.50 -1.52 -18.60
C LEU A 119 19.45 -2.63 -18.54
N VAL A 120 18.26 -2.41 -19.11
CA VAL A 120 17.24 -3.44 -19.18
C VAL A 120 17.72 -4.69 -19.91
N ALA A 121 18.38 -4.51 -21.05
CA ALA A 121 18.90 -5.67 -21.79
C ALA A 121 19.95 -6.43 -20.99
N ASP A 122 20.81 -5.72 -20.27
CA ASP A 122 21.86 -6.34 -19.46
C ASP A 122 21.28 -7.11 -18.29
N LEU A 123 20.26 -6.55 -17.64
CA LEU A 123 19.58 -7.24 -16.57
C LEU A 123 18.88 -8.51 -17.05
N LEU A 124 18.21 -8.48 -18.19
CA LEU A 124 17.59 -9.67 -18.77
C LEU A 124 18.62 -10.75 -19.08
N LYS A 125 19.78 -10.34 -19.59
CA LYS A 125 20.90 -11.26 -19.84
C LYS A 125 21.44 -11.90 -18.56
N THR A 126 21.68 -11.09 -17.54
CA THR A 126 22.13 -11.55 -16.27
C THR A 126 21.12 -12.51 -15.58
N ALA A 127 19.82 -12.23 -15.68
CA ALA A 127 18.80 -13.11 -15.14
C ALA A 127 18.80 -14.49 -15.78
N GLY A 128 19.25 -14.59 -17.02
CA GLY A 128 19.34 -15.86 -17.76
C GLY A 128 18.68 -15.90 -19.12
N ALA A 129 18.20 -14.78 -19.64
CA ALA A 129 17.52 -14.81 -20.94
C ALA A 129 18.52 -15.03 -22.07
N ASP A 130 18.14 -15.85 -23.01
CA ASP A 130 18.91 -16.14 -24.20
C ASP A 130 18.44 -15.34 -25.42
N ARG A 131 17.21 -14.86 -25.41
CA ARG A 131 16.63 -14.18 -26.55
C ARG A 131 15.61 -13.15 -26.03
N ILE A 132 15.44 -12.06 -26.76
CA ILE A 132 14.43 -11.06 -26.48
C ILE A 132 13.55 -10.90 -27.73
N VAL A 133 12.24 -10.87 -27.53
CA VAL A 133 11.28 -10.61 -28.59
C VAL A 133 10.49 -9.36 -28.19
N SER A 134 10.41 -8.39 -29.09
CA SER A 134 9.70 -7.16 -28.80
C SER A 134 8.98 -6.67 -30.04
N VAL A 135 8.05 -5.74 -29.84
CA VAL A 135 7.29 -5.21 -30.96
C VAL A 135 7.54 -3.73 -31.03
N ASP A 136 7.91 -3.25 -32.23
CA ASP A 136 8.06 -1.83 -32.51
C ASP A 136 8.81 -1.02 -31.46
N LEU A 137 10.08 -1.38 -31.32
CA LEU A 137 11.01 -0.63 -30.51
C LEU A 137 11.03 0.86 -30.88
N HIS A 138 11.21 1.69 -29.87
CA HIS A 138 11.30 3.13 -30.07
C HIS A 138 12.39 3.48 -31.10
N THR A 139 13.53 2.78 -31.03
CA THR A 139 14.56 2.82 -32.08
C THR A 139 15.01 1.42 -32.40
N ASP A 140 15.31 1.20 -33.67
CA ASP A 140 15.71 -0.09 -34.16
C ASP A 140 17.07 -0.51 -33.59
N GLN A 141 17.89 0.46 -33.18
CA GLN A 141 19.23 0.17 -32.66
C GLN A 141 19.21 -0.54 -31.32
N ILE A 142 18.09 -0.46 -30.59
CA ILE A 142 17.92 -1.22 -29.33
C ILE A 142 18.18 -2.73 -29.53
N GLN A 143 17.94 -3.22 -30.74
CA GLN A 143 18.27 -4.56 -31.13
C GLN A 143 19.76 -4.91 -30.87
N GLY A 144 20.65 -3.95 -31.02
CA GLY A 144 22.05 -4.15 -30.65
C GLY A 144 22.44 -4.04 -29.17
N PHE A 145 21.49 -3.74 -28.30
CA PHE A 145 21.76 -3.64 -26.88
C PHE A 145 21.89 -4.95 -26.16
N PHE A 146 21.46 -6.02 -26.79
CA PHE A 146 21.43 -7.35 -26.17
C PHE A 146 22.45 -8.25 -26.87
N ASP A 147 23.26 -8.97 -26.09
CA ASP A 147 24.29 -9.84 -26.63
C ASP A 147 23.67 -11.21 -27.03
N GLY A 148 22.93 -11.24 -28.12
CA GLY A 148 22.19 -12.42 -28.47
C GLY A 148 21.08 -12.08 -29.43
N PRO A 149 20.33 -13.09 -29.90
CA PRO A 149 19.23 -12.84 -30.82
C PRO A 149 18.13 -11.90 -30.25
N VAL A 150 17.69 -10.94 -31.04
CA VAL A 150 16.58 -10.07 -30.70
C VAL A 150 15.64 -10.02 -31.88
N ASP A 151 14.48 -10.64 -31.78
CA ASP A 151 13.47 -10.61 -32.85
C ASP A 151 12.61 -9.36 -32.70
N HIS A 152 12.79 -8.41 -33.61
CA HIS A 152 12.11 -7.12 -33.55
C HIS A 152 10.91 -7.16 -34.48
N MET A 153 9.75 -7.39 -33.92
CA MET A 153 8.53 -7.56 -34.72
C MET A 153 7.88 -6.22 -35.02
N ARG A 154 7.30 -6.13 -36.20
CA ARG A 154 6.69 -4.90 -36.63
C ARG A 154 5.20 -5.05 -36.79
N ALA A 155 4.45 -4.06 -36.34
CA ALA A 155 2.99 -4.03 -36.49
C ALA A 155 2.55 -3.25 -37.75
N GLN A 156 3.50 -2.71 -38.50
CA GLN A 156 3.23 -1.89 -39.64
C GLN A 156 2.26 -2.52 -40.65
N LYS A 157 2.52 -3.76 -41.07
CA LYS A 157 1.64 -4.45 -41.98
C LYS A 157 0.23 -4.57 -41.41
N LEU A 158 0.13 -4.87 -40.12
CA LEU A 158 -1.14 -4.98 -39.45
C LEU A 158 -1.91 -3.65 -39.45
N LEU A 159 -1.25 -2.57 -39.07
CA LEU A 159 -1.90 -1.27 -38.99
C LEU A 159 -2.22 -0.69 -40.38
N THR A 160 -1.34 -0.82 -41.36
CA THR A 160 -1.58 -0.27 -42.69
C THR A 160 -2.55 -1.12 -43.45
N GLY A 161 -2.54 -2.42 -43.21
CA GLY A 161 -3.55 -3.32 -43.77
C GLY A 161 -4.96 -2.89 -43.36
N TYR A 162 -5.13 -2.53 -42.10
CA TYR A 162 -6.44 -2.09 -41.61
C TYR A 162 -6.81 -0.74 -42.23
N ILE A 163 -5.87 0.19 -42.25
CA ILE A 163 -6.11 1.51 -42.85
C ILE A 163 -6.37 1.41 -44.35
N GLY A 164 -5.67 0.53 -45.04
CA GLY A 164 -5.97 0.22 -46.44
C GLY A 164 -7.36 -0.34 -46.70
N GLU A 165 -7.86 -1.25 -45.84
CA GLU A 165 -9.26 -1.78 -45.92
C GLU A 165 -10.34 -0.68 -45.76
N HIS A 166 -10.12 0.31 -44.89
CA HIS A 166 -11.17 1.29 -44.60
C HIS A 166 -11.01 2.69 -45.15
N TYR A 167 -9.82 3.05 -45.62
CA TYR A 167 -9.59 4.38 -46.15
C TYR A 167 -8.91 4.37 -47.52
N ALA A 168 -8.99 3.28 -48.28
CA ALA A 168 -8.45 3.24 -49.65
C ALA A 168 -9.06 4.33 -50.56
N ASP A 169 -10.33 4.64 -50.33
CA ASP A 169 -11.08 5.62 -51.14
C ASP A 169 -10.56 7.05 -50.94
N GLU A 170 -9.88 7.29 -49.82
CA GLU A 170 -9.47 8.63 -49.44
C GLU A 170 -8.19 9.08 -50.14
N ASP A 171 -7.98 10.39 -50.10
CA ASP A 171 -6.79 11.06 -50.62
C ASP A 171 -5.86 11.29 -49.41
N MET A 172 -4.84 10.44 -49.28
CA MET A 172 -4.05 10.35 -48.04
C MET A 172 -2.71 11.11 -48.04
N VAL A 173 -2.34 11.65 -46.89
CA VAL A 173 -0.99 12.06 -46.64
C VAL A 173 -0.55 11.44 -45.28
N VAL A 174 0.65 10.87 -45.22
CA VAL A 174 1.17 10.33 -43.97
C VAL A 174 1.87 11.47 -43.27
N VAL A 175 1.58 11.67 -42.00
CA VAL A 175 2.16 12.79 -41.22
C VAL A 175 2.89 12.26 -40.01
N SER A 176 4.12 12.70 -39.81
CA SER A 176 4.87 12.39 -38.61
C SER A 176 4.71 13.53 -37.59
N PRO A 177 4.38 13.21 -36.35
CA PRO A 177 4.13 14.26 -35.35
C PRO A 177 5.40 14.96 -34.88
N ASP A 178 6.56 14.42 -35.21
CA ASP A 178 7.84 15.08 -34.92
C ASP A 178 8.97 14.56 -35.82
N SER A 179 10.10 15.24 -35.75
CA SER A 179 11.22 14.99 -36.64
C SER A 179 11.85 13.60 -36.47
N GLY A 180 11.72 13.02 -35.27
CA GLY A 180 12.32 11.72 -35.01
C GLY A 180 11.72 10.57 -35.80
N ARG A 181 10.45 10.69 -36.18
CA ARG A 181 9.69 9.59 -36.67
C ARG A 181 9.45 9.62 -38.20
N VAL A 182 10.13 10.52 -38.89
CA VAL A 182 9.89 10.73 -40.34
C VAL A 182 10.23 9.49 -41.17
N ARG A 183 11.27 8.76 -40.79
CA ARG A 183 11.67 7.59 -41.54
C ARG A 183 10.61 6.50 -41.52
N VAL A 184 10.00 6.27 -40.36
CA VAL A 184 8.98 5.23 -40.26
C VAL A 184 7.78 5.70 -41.06
N ALA A 185 7.44 6.97 -40.94
CA ALA A 185 6.35 7.55 -41.69
C ALA A 185 6.54 7.36 -43.17
N GLU A 186 7.79 7.50 -43.63
CA GLU A 186 8.15 7.24 -45.02
C GLU A 186 7.86 5.80 -45.42
N LYS A 187 8.16 4.85 -44.53
CA LYS A 187 7.83 3.43 -44.77
C LYS A 187 6.32 3.18 -44.91
N TRP A 188 5.52 3.87 -44.11
CA TRP A 188 4.08 3.73 -44.18
C TRP A 188 3.55 4.28 -45.49
N ALA A 189 4.05 5.43 -45.91
CA ALA A 189 3.60 6.05 -47.16
C ALA A 189 3.84 5.11 -48.32
N ASP A 190 4.96 4.40 -48.31
CA ASP A 190 5.26 3.38 -49.34
C ASP A 190 4.24 2.21 -49.29
N SER A 191 3.94 1.73 -48.08
CA SER A 191 2.95 0.65 -47.85
C SER A 191 1.53 1.05 -48.28
N LEU A 192 1.20 2.33 -48.18
CA LEU A 192 -0.12 2.84 -48.56
C LEU A 192 -0.26 3.24 -50.04
N GLY A 193 0.69 2.83 -50.88
CA GLY A 193 0.67 3.12 -52.32
C GLY A 193 1.46 4.33 -52.80
N GLY A 194 2.48 4.73 -52.07
CA GLY A 194 3.33 5.87 -52.46
C GLY A 194 2.66 7.24 -52.33
N VAL A 195 1.97 7.46 -51.23
CA VAL A 195 1.31 8.72 -50.99
C VAL A 195 2.30 9.76 -50.44
N PRO A 196 1.92 11.05 -50.43
CA PRO A 196 2.82 12.08 -49.91
C PRO A 196 3.04 12.04 -48.41
N LEU A 197 3.99 12.86 -47.98
CA LEU A 197 4.50 12.85 -46.64
C LEU A 197 4.56 14.25 -46.07
N ALA A 198 4.29 14.39 -44.79
CA ALA A 198 4.42 15.68 -44.07
C ALA A 198 4.84 15.43 -42.63
N PHE A 199 5.32 16.47 -41.95
CA PHE A 199 5.65 16.35 -40.54
C PHE A 199 5.62 17.67 -39.82
N ILE A 200 5.55 17.61 -38.50
CA ILE A 200 5.52 18.78 -37.68
C ILE A 200 6.93 19.17 -37.26
N HIS A 201 7.33 20.38 -37.64
CA HIS A 201 8.60 20.95 -37.28
C HIS A 201 8.43 21.77 -36.02
N LYS A 202 9.22 21.46 -34.99
CA LYS A 202 9.24 22.22 -33.74
C LYS A 202 10.53 23.03 -33.61
N THR A 203 10.38 24.33 -33.44
CA THR A 203 11.52 25.21 -33.22
C THR A 203 11.67 25.46 -31.74
N ARG A 204 12.90 25.36 -31.22
CA ARG A 204 13.18 25.58 -29.80
C ARG A 204 14.08 26.80 -29.59
N SER A 214 7.67 27.50 -31.33
CA SER A 214 6.62 27.39 -32.35
C SER A 214 6.51 25.97 -33.03
N ASN A 215 5.37 25.74 -33.67
CA ASN A 215 5.11 24.51 -34.38
C ASN A 215 4.62 24.84 -35.79
N ARG A 216 5.10 24.13 -36.80
CA ARG A 216 4.67 24.37 -38.19
C ARG A 216 4.50 23.03 -38.91
N VAL A 217 3.57 22.94 -39.83
CA VAL A 217 3.47 21.76 -40.67
C VAL A 217 4.31 21.98 -41.90
N VAL A 218 5.12 21.00 -42.26
CA VAL A 218 5.97 21.08 -43.42
C VAL A 218 5.42 20.05 -44.38
N GLY A 219 4.96 20.51 -45.52
CA GLY A 219 4.22 19.68 -46.51
C GLY A 219 2.77 20.14 -46.66
N ASP A 220 2.08 19.66 -47.71
CA ASP A 220 0.70 20.05 -47.99
C ASP A 220 -0.31 19.03 -47.51
N VAL A 221 -1.17 19.46 -46.58
CA VAL A 221 -2.21 18.61 -46.06
C VAL A 221 -3.62 19.12 -46.34
N LYS A 222 -3.72 20.29 -46.95
CA LYS A 222 -4.98 20.93 -47.26
C LYS A 222 -5.94 20.03 -48.05
N GLY A 223 -7.12 19.77 -47.48
CA GLY A 223 -8.12 18.89 -48.08
C GLY A 223 -7.81 17.40 -48.07
N LYS A 224 -6.79 16.99 -47.33
CA LYS A 224 -6.37 15.57 -47.38
C LYS A 224 -6.74 14.85 -46.11
N THR A 225 -6.83 13.54 -46.21
CA THR A 225 -7.02 12.66 -45.04
C THR A 225 -5.66 12.33 -44.46
N CYS A 226 -5.36 12.87 -43.29
CA CYS A 226 -4.05 12.69 -42.65
C CYS A 226 -3.97 11.42 -41.80
N ILE A 227 -2.95 10.61 -42.02
CA ILE A 227 -2.62 9.49 -41.18
C ILE A 227 -1.46 9.92 -40.28
N LEU A 228 -1.78 10.26 -39.03
CA LEU A 228 -0.79 10.66 -38.04
C LEU A 228 -0.24 9.42 -37.39
N THR A 229 1.04 9.14 -37.58
CA THR A 229 1.62 7.88 -37.13
C THR A 229 2.67 8.10 -36.05
N ASP A 230 2.57 7.34 -34.96
CA ASP A 230 3.57 7.37 -33.91
C ASP A 230 3.84 5.96 -33.37
N ASP A 231 4.96 5.78 -32.72
CA ASP A 231 5.26 4.53 -32.02
C ASP A 231 4.34 4.27 -30.85
N MET A 232 4.07 5.30 -30.06
CA MET A 232 3.23 5.16 -28.88
C MET A 232 2.45 6.42 -28.63
N ILE A 233 1.38 6.30 -27.86
CA ILE A 233 0.68 7.46 -27.34
C ILE A 233 0.74 7.35 -25.84
N ASP A 234 1.35 8.33 -25.19
CA ASP A 234 1.41 8.35 -23.74
C ASP A 234 0.37 9.25 -23.07
N THR A 235 0.63 10.56 -22.95
CA THR A 235 -0.34 11.51 -22.33
C THR A 235 -1.25 12.12 -23.40
N GLY A 236 -0.86 11.98 -24.67
CA GLY A 236 -1.63 12.50 -25.79
C GLY A 236 -1.37 13.97 -26.09
N GLY A 237 -0.37 14.58 -25.44
CA GLY A 237 -0.09 16.01 -25.61
C GLY A 237 0.41 16.37 -27.00
N THR A 238 1.48 15.69 -27.41
CA THR A 238 2.10 15.93 -28.71
C THR A 238 1.12 15.59 -29.80
N ILE A 239 0.47 14.45 -29.69
CA ILE A 239 -0.42 14.00 -30.74
C ILE A 239 -1.67 14.89 -30.84
N ALA A 240 -2.25 15.32 -29.72
CA ALA A 240 -3.41 16.22 -29.77
C ALA A 240 -3.01 17.54 -30.39
N GLY A 241 -1.82 18.04 -30.05
CA GLY A 241 -1.28 19.26 -30.64
C GLY A 241 -1.17 19.15 -32.16
N ALA A 242 -0.72 18.00 -32.63
CA ALA A 242 -0.59 17.78 -34.06
C ALA A 242 -1.95 17.76 -34.77
N VAL A 243 -2.96 17.20 -34.14
CA VAL A 243 -4.28 17.13 -34.74
C VAL A 243 -4.82 18.54 -34.95
N ASN A 244 -4.69 19.37 -33.93
CA ASN A 244 -5.16 20.73 -33.97
C ASN A 244 -4.44 21.56 -35.05
N LEU A 245 -3.13 21.34 -35.18
CA LEU A 245 -2.31 22.00 -36.22
C LEU A 245 -2.73 21.59 -37.61
N LEU A 246 -3.02 20.31 -37.80
CA LEU A 246 -3.41 19.79 -39.13
C LEU A 246 -4.80 20.33 -39.50
N ARG A 247 -5.64 20.48 -38.49
CA ARG A 247 -6.97 21.05 -38.63
C ARG A 247 -6.89 22.47 -39.11
N GLU A 248 -6.07 23.25 -38.42
CA GLU A 248 -5.79 24.62 -38.82
C GLU A 248 -5.20 24.76 -40.21
N ASP A 249 -4.53 23.75 -40.70
CA ASP A 249 -3.95 23.81 -42.05
C ASP A 249 -4.86 23.21 -43.11
N GLY A 250 -6.12 22.95 -42.75
CA GLY A 250 -7.16 22.62 -43.71
C GLY A 250 -7.25 21.16 -44.08
N ALA A 251 -6.90 20.28 -43.14
CA ALA A 251 -7.03 18.86 -43.36
C ALA A 251 -8.51 18.47 -43.33
N LYS A 252 -8.91 17.60 -44.22
CA LYS A 252 -10.28 17.10 -44.21
C LYS A 252 -10.54 16.24 -42.98
N ASP A 253 -9.61 15.34 -42.72
CA ASP A 253 -9.75 14.25 -41.74
C ASP A 253 -8.39 13.99 -41.10
N VAL A 254 -8.39 13.51 -39.86
CA VAL A 254 -7.18 12.98 -39.23
C VAL A 254 -7.40 11.61 -38.60
N ILE A 255 -6.54 10.65 -38.95
CA ILE A 255 -6.51 9.34 -38.36
C ILE A 255 -5.21 9.16 -37.59
N ILE A 256 -5.33 8.70 -36.33
CA ILE A 256 -4.18 8.40 -35.47
C ILE A 256 -3.93 6.90 -35.40
N ALA A 257 -2.69 6.50 -35.67
CA ALA A 257 -2.30 5.10 -35.61
C ALA A 257 -0.97 4.97 -34.84
N ALA A 258 -0.95 4.10 -33.85
CA ALA A 258 0.23 3.85 -33.05
C ALA A 258 0.23 2.41 -32.58
N THR A 259 1.41 1.84 -32.38
CA THR A 259 1.47 0.49 -31.87
C THR A 259 1.09 0.40 -30.42
N HIS A 260 1.68 1.24 -29.58
CA HIS A 260 1.51 1.08 -28.15
C HIS A 260 0.59 2.12 -27.56
N GLY A 261 -0.48 1.68 -26.93
CA GLY A 261 -1.40 2.55 -26.28
C GLY A 261 -1.04 2.51 -24.82
N VAL A 262 -0.26 3.48 -24.37
CA VAL A 262 0.08 3.62 -22.95
C VAL A 262 -1.08 4.35 -22.33
N LEU A 263 -1.53 5.41 -23.02
CA LEU A 263 -2.78 6.13 -22.71
C LEU A 263 -2.94 6.53 -21.26
N SER A 264 -1.92 7.14 -20.69
CA SER A 264 -1.95 7.60 -19.33
C SER A 264 -2.79 8.85 -19.18
N ASP A 265 -3.23 9.10 -17.94
CA ASP A 265 -3.77 10.40 -17.49
C ASP A 265 -4.99 10.88 -18.28
N PRO A 266 -4.91 12.06 -18.93
CA PRO A 266 -6.01 12.64 -19.63
C PRO A 266 -6.05 12.26 -21.12
N ALA A 267 -5.21 11.31 -21.56
CA ALA A 267 -5.10 10.99 -22.98
C ALA A 267 -6.42 10.53 -23.57
N PRO A 268 -7.14 9.65 -22.87
CA PRO A 268 -8.46 9.24 -23.41
C PRO A 268 -9.41 10.42 -23.62
N GLN A 269 -9.52 11.29 -22.64
CA GLN A 269 -10.33 12.49 -22.75
C GLN A 269 -9.80 13.46 -23.83
N ARG A 270 -8.48 13.65 -23.84
CA ARG A 270 -7.77 14.50 -24.81
C ARG A 270 -7.99 14.04 -26.25
N LEU A 271 -7.86 12.75 -26.48
CA LEU A 271 -8.03 12.19 -27.82
C LEU A 271 -9.47 12.12 -28.31
N ALA A 272 -10.39 11.81 -27.41
CA ALA A 272 -11.82 11.80 -27.72
C ALA A 272 -12.36 13.21 -28.09
N GLU A 273 -11.81 14.25 -27.46
CA GLU A 273 -12.23 15.65 -27.66
C GLU A 273 -11.47 16.35 -28.78
N CYS A 274 -10.35 15.80 -29.20
CA CYS A 274 -9.67 16.36 -30.37
C CYS A 274 -10.44 15.87 -31.62
N GLY A 275 -10.15 16.46 -32.75
CA GLY A 275 -10.99 16.15 -33.91
C GLY A 275 -10.90 14.75 -34.51
N ALA A 276 -10.02 13.89 -34.02
CA ALA A 276 -9.65 12.73 -34.82
C ALA A 276 -10.82 11.79 -35.03
N ARG A 277 -10.95 11.32 -36.25
CA ARG A 277 -12.00 10.42 -36.63
C ARG A 277 -11.77 9.03 -36.05
N GLU A 278 -10.52 8.59 -36.03
CA GLU A 278 -10.20 7.26 -35.52
C GLU A 278 -8.82 7.24 -34.83
N VAL A 279 -8.69 6.44 -33.79
CA VAL A 279 -7.42 6.19 -33.13
C VAL A 279 -7.21 4.69 -33.10
N ILE A 280 -6.17 4.19 -33.73
CA ILE A 280 -5.93 2.78 -33.89
C ILE A 280 -4.67 2.40 -33.14
N VAL A 281 -4.80 1.42 -32.24
CA VAL A 281 -3.70 0.90 -31.44
C VAL A 281 -3.75 -0.61 -31.39
N THR A 282 -2.66 -1.23 -30.96
CA THR A 282 -2.62 -2.68 -30.74
C THR A 282 -2.76 -2.90 -29.27
N ASN A 283 -2.84 -4.16 -28.90
CA ASN A 283 -2.94 -4.50 -27.48
C ASN A 283 -1.63 -4.99 -26.85
N THR A 284 -0.52 -4.36 -27.19
CA THR A 284 0.75 -4.71 -26.56
C THR A 284 0.69 -4.40 -25.09
N LEU A 285 -0.10 -3.40 -24.75
CA LEU A 285 -0.43 -3.02 -23.39
C LEU A 285 -1.90 -3.26 -23.18
N PRO A 286 -2.33 -3.51 -21.92
CA PRO A 286 -3.74 -3.83 -21.72
C PRO A 286 -4.54 -2.53 -21.82
N ILE A 287 -5.58 -2.52 -22.64
CA ILE A 287 -6.41 -1.35 -22.80
C ILE A 287 -7.62 -1.53 -21.91
N THR A 288 -7.56 -1.02 -20.69
CA THR A 288 -8.64 -1.18 -19.74
C THR A 288 -9.81 -0.28 -20.09
N GLU A 289 -10.91 -0.45 -19.38
CA GLU A 289 -12.14 0.27 -19.71
C GLU A 289 -12.08 1.77 -19.42
N ASP A 290 -11.27 2.18 -18.46
CA ASP A 290 -10.97 3.60 -18.26
C ASP A 290 -10.25 4.29 -19.43
N LYS A 291 -9.52 3.52 -20.24
CA LYS A 291 -8.76 4.07 -21.35
C LYS A 291 -9.54 4.06 -22.65
N ARG A 292 -10.69 3.39 -22.67
CA ARG A 292 -11.52 3.29 -23.87
C ARG A 292 -12.36 4.54 -24.17
N PHE A 293 -12.60 4.74 -25.46
CA PHE A 293 -13.41 5.82 -25.98
C PHE A 293 -13.89 5.45 -27.38
N PRO A 294 -14.89 6.18 -27.91
CA PRO A 294 -15.57 5.66 -29.11
C PRO A 294 -14.72 5.56 -30.39
N GLN A 295 -13.83 6.52 -30.60
CA GLN A 295 -12.96 6.52 -31.77
C GLN A 295 -11.84 5.47 -31.72
N LEU A 296 -11.62 4.88 -30.55
CA LEU A 296 -10.58 3.89 -30.34
C LEU A 296 -10.85 2.51 -30.91
N THR A 297 -9.92 2.01 -31.68
CA THR A 297 -9.95 0.67 -32.24
C THR A 297 -8.70 -0.07 -31.80
N VAL A 298 -8.86 -1.28 -31.31
CA VAL A 298 -7.75 -2.08 -30.82
C VAL A 298 -7.60 -3.31 -31.65
N LEU A 299 -6.42 -3.49 -32.21
CA LEU A 299 -6.15 -4.70 -33.01
C LEU A 299 -5.28 -5.61 -32.20
N SER A 300 -5.44 -6.92 -32.37
CA SER A 300 -4.70 -7.84 -31.57
C SER A 300 -3.29 -8.07 -32.13
N ILE A 301 -2.30 -8.04 -31.26
CA ILE A 301 -0.94 -8.44 -31.61
C ILE A 301 -0.69 -9.95 -31.40
N ALA A 302 -1.68 -10.68 -30.90
CA ALA A 302 -1.48 -12.06 -30.54
C ALA A 302 -1.06 -12.95 -31.68
N PRO A 303 -1.70 -12.84 -32.86
CA PRO A 303 -1.30 -13.76 -33.94
C PRO A 303 0.17 -13.58 -34.35
N LEU A 304 0.64 -12.34 -34.35
CA LEU A 304 2.04 -12.01 -34.64
C LEU A 304 2.99 -12.61 -33.56
N LEU A 305 2.65 -12.44 -32.28
CA LEU A 305 3.41 -13.06 -31.24
C LEU A 305 3.41 -14.58 -31.33
N ALA A 306 2.27 -15.20 -31.63
CA ALA A 306 2.21 -16.66 -31.73
C ALA A 306 3.06 -17.19 -32.88
N ASN A 307 3.04 -16.51 -34.02
CA ASN A 307 3.90 -16.89 -35.15
C ASN A 307 5.38 -16.78 -34.84
N THR A 308 5.77 -15.72 -34.12
CA THR A 308 7.16 -15.56 -33.73
C THR A 308 7.62 -16.65 -32.76
N ILE A 309 6.79 -16.98 -31.76
CA ILE A 309 7.11 -18.07 -30.82
C ILE A 309 7.26 -19.40 -31.55
N ARG A 310 6.36 -19.66 -32.50
CA ARG A 310 6.39 -20.90 -33.23
C ARG A 310 7.67 -21.02 -34.04
N ALA A 311 8.08 -19.95 -34.70
CA ALA A 311 9.28 -19.95 -35.52
C ALA A 311 10.57 -20.09 -34.69
N VAL A 312 10.61 -19.42 -33.55
CA VAL A 312 11.74 -19.57 -32.63
C VAL A 312 11.83 -20.99 -32.11
N PHE A 313 10.68 -21.50 -31.67
CA PHE A 313 10.61 -22.85 -31.12
C PHE A 313 10.98 -23.90 -32.17
N GLU A 314 10.45 -23.76 -33.38
CA GLU A 314 10.74 -24.72 -34.47
C GLU A 314 12.24 -24.73 -34.86
N ASN A 315 12.89 -23.59 -34.71
CA ASN A 315 14.34 -23.52 -34.77
C ASN A 315 14.94 -24.19 -36.02
N GLY A 316 14.30 -23.96 -37.16
CA GLY A 316 14.71 -24.56 -38.47
C GLY A 316 13.97 -25.80 -38.92
N LYS B 10 -46.10 10.45 38.77
CA LYS B 10 -44.87 10.28 37.90
C LYS B 10 -43.84 11.41 38.03
N ASN B 11 -42.59 11.04 38.24
CA ASN B 11 -41.56 12.00 38.50
C ASN B 11 -40.27 11.59 37.77
N LEU B 12 -39.79 12.44 36.87
CA LEU B 12 -38.61 12.14 36.05
C LEU B 12 -37.36 12.57 36.77
N MET B 13 -36.43 11.64 36.96
CA MET B 13 -35.15 11.97 37.56
C MET B 13 -34.01 11.45 36.73
N LEU B 14 -33.03 12.31 36.55
CA LEU B 14 -31.91 12.04 35.69
C LEU B 14 -30.66 11.91 36.58
N PHE B 15 -29.94 10.81 36.43
CA PHE B 15 -28.74 10.54 37.17
C PHE B 15 -27.63 10.40 36.15
N ALA B 16 -26.44 10.82 36.52
CA ALA B 16 -25.32 10.76 35.62
C ALA B 16 -24.08 10.32 36.36
N GLY B 17 -23.32 9.46 35.73
CA GLY B 17 -21.98 9.19 36.16
C GLY B 17 -21.00 10.29 35.79
N ARG B 18 -19.77 10.14 36.25
CA ARG B 18 -18.72 11.15 36.06
C ARG B 18 -17.97 11.10 34.71
N ALA B 19 -18.17 10.08 33.90
CA ALA B 19 -17.34 9.88 32.71
C ALA B 19 -17.50 10.97 31.63
N HIS B 20 -18.69 11.55 31.49
CA HIS B 20 -18.89 12.41 30.38
C HIS B 20 -19.84 13.49 30.77
N PRO B 21 -19.36 14.43 31.58
CA PRO B 21 -20.18 15.49 32.16
C PRO B 21 -20.84 16.46 31.14
N GLU B 22 -20.16 16.74 30.04
CA GLU B 22 -20.75 17.62 29.04
C GLU B 22 -22.03 17.05 28.41
N LEU B 23 -22.06 15.76 28.15
CA LEU B 23 -23.21 15.14 27.54
C LEU B 23 -24.34 15.18 28.51
N ALA B 24 -24.06 14.88 29.77
CA ALA B 24 -25.09 14.93 30.84
C ALA B 24 -25.69 16.33 30.98
N ASP B 25 -24.84 17.35 30.95
CA ASP B 25 -25.30 18.71 31.01
C ASP B 25 -26.12 19.11 29.79
N GLN B 26 -25.71 18.70 28.58
CA GLN B 26 -26.50 18.97 27.37
C GLN B 26 -27.90 18.30 27.43
N VAL B 27 -27.97 17.06 27.89
CA VAL B 27 -29.21 16.32 27.94
C VAL B 27 -30.14 16.93 28.97
N ALA B 28 -29.59 17.27 30.12
CA ALA B 28 -30.32 17.97 31.17
C ALA B 28 -30.92 19.28 30.71
N LYS B 29 -30.15 20.06 29.97
CA LYS B 29 -30.66 21.32 29.38
C LYS B 29 -31.80 21.14 28.41
N GLU B 30 -31.71 20.15 27.53
CA GLU B 30 -32.81 19.85 26.59
C GLU B 30 -34.10 19.45 27.27
N LEU B 31 -33.99 18.69 28.36
CA LEU B 31 -35.14 18.24 29.15
C LEU B 31 -35.64 19.26 30.14
N ASP B 32 -34.82 20.27 30.45
CA ASP B 32 -35.12 21.25 31.54
C ASP B 32 -35.25 20.60 32.93
N VAL B 33 -34.40 19.62 33.19
CA VAL B 33 -34.41 18.93 34.47
C VAL B 33 -32.97 18.94 34.96
N ALA B 34 -32.75 19.30 36.22
CA ALA B 34 -31.41 19.26 36.80
C ALA B 34 -31.00 17.79 37.01
N VAL B 35 -29.70 17.54 36.90
CA VAL B 35 -29.14 16.25 37.25
C VAL B 35 -29.27 16.10 38.76
N THR B 36 -29.68 14.93 39.21
CA THR B 36 -29.87 14.67 40.64
C THR B 36 -28.53 14.68 41.38
N ALA B 37 -28.52 15.31 42.56
CA ALA B 37 -27.32 15.46 43.35
C ALA B 37 -26.88 14.13 43.88
N GLN B 38 -25.59 13.86 43.77
CA GLN B 38 -25.03 12.67 44.33
C GLN B 38 -23.56 12.77 44.58
N THR B 39 -23.10 12.02 45.57
CA THR B 39 -21.71 11.95 45.91
C THR B 39 -21.19 10.77 45.13
N ALA B 40 -20.17 10.95 44.29
CA ALA B 40 -19.56 9.85 43.54
C ALA B 40 -18.05 10.00 43.56
N ARG B 41 -17.40 9.11 44.28
CA ARG B 41 -15.97 9.27 44.58
C ARG B 41 -15.31 7.92 44.79
N ASP B 42 -14.00 7.94 44.66
CA ASP B 42 -13.17 6.76 44.66
C ASP B 42 -12.38 6.68 45.96
N PHE B 43 -12.41 5.50 46.59
CA PHE B 43 -11.35 5.10 47.51
C PHE B 43 -10.04 4.86 46.75
N ALA B 44 -8.93 4.99 47.46
CA ALA B 44 -7.60 4.79 46.85
C ALA B 44 -7.45 3.41 46.20
N ASN B 45 -8.06 2.43 46.88
CA ASN B 45 -8.37 1.11 46.34
C ASN B 45 -8.87 1.03 44.86
N GLY B 46 -9.72 1.98 44.47
CA GLY B 46 -10.45 1.93 43.19
C GLY B 46 -11.96 1.67 43.40
N GLU B 47 -12.36 1.22 44.59
CA GLU B 47 -13.76 1.01 44.93
C GLU B 47 -14.51 2.32 44.81
N ILE B 48 -15.67 2.27 44.20
CA ILE B 48 -16.48 3.45 43.97
C ILE B 48 -17.50 3.54 45.08
N PHE B 49 -17.71 4.76 45.56
CA PHE B 49 -18.69 5.06 46.56
C PHE B 49 -19.75 5.94 45.94
N VAL B 50 -21.01 5.61 46.15
CA VAL B 50 -22.09 6.34 45.55
C VAL B 50 -23.12 6.61 46.61
N ARG B 51 -23.65 7.82 46.65
CA ARG B 51 -24.77 8.13 47.53
C ARG B 51 -25.67 9.22 46.94
N PHE B 52 -26.98 9.04 46.98
CA PHE B 52 -27.88 10.05 46.43
C PHE B 52 -28.22 11.05 47.50
N ASP B 53 -28.17 12.32 47.14
CA ASP B 53 -28.31 13.37 48.12
C ASP B 53 -29.68 14.04 48.15
N GLU B 54 -30.64 13.42 47.47
CA GLU B 54 -32.03 13.80 47.59
C GLU B 54 -32.83 12.53 47.39
N SER B 55 -34.13 12.60 47.68
CA SER B 55 -34.96 11.39 47.64
C SER B 55 -35.13 10.89 46.22
N VAL B 56 -35.12 9.58 46.05
CA VAL B 56 -35.36 8.94 44.76
C VAL B 56 -36.55 7.99 44.76
N ARG B 57 -37.21 7.86 45.90
CA ARG B 57 -38.35 6.98 46.07
C ARG B 57 -39.45 7.34 45.07
N GLY B 58 -39.93 6.32 44.34
CA GLY B 58 -41.04 6.45 43.41
C GLY B 58 -40.78 7.09 42.05
N CYS B 59 -39.52 7.39 41.74
CA CYS B 59 -39.18 8.10 40.50
C CYS B 59 -39.04 7.18 39.27
N ASP B 60 -39.15 7.78 38.10
CA ASP B 60 -38.75 7.17 36.86
C ASP B 60 -37.32 7.65 36.63
N ALA B 61 -36.36 6.75 36.76
CA ALA B 61 -34.96 7.12 36.78
C ALA B 61 -34.32 6.78 35.47
N PHE B 62 -33.46 7.70 35.01
CA PHE B 62 -32.68 7.51 33.81
C PHE B 62 -31.23 7.68 34.23
N VAL B 63 -30.46 6.64 34.08
CA VAL B 63 -29.10 6.65 34.56
C VAL B 63 -28.18 6.72 33.36
N LEU B 64 -27.57 7.86 33.16
CA LEU B 64 -26.76 8.12 31.98
C LEU B 64 -25.29 7.92 32.27
N GLN B 65 -24.65 7.00 31.57
CA GLN B 65 -23.21 6.82 31.69
C GLN B 65 -22.60 6.51 30.32
N SER B 66 -21.61 7.30 29.95
CA SER B 66 -20.78 6.99 28.82
C SER B 66 -19.59 6.12 29.28
N HIS B 67 -18.90 5.47 28.36
CA HIS B 67 -17.90 4.48 28.70
C HIS B 67 -16.60 4.67 27.92
N PRO B 68 -15.94 5.82 28.12
CA PRO B 68 -14.58 5.96 27.65
C PRO B 68 -13.56 5.19 28.50
N ALA B 69 -12.32 5.18 28.05
CA ALA B 69 -11.19 4.65 28.84
C ALA B 69 -11.04 5.43 30.15
N PRO B 70 -10.83 4.77 31.31
CA PRO B 70 -10.85 3.31 31.51
C PRO B 70 -12.28 2.76 31.74
N LEU B 71 -12.69 1.85 30.89
CA LEU B 71 -14.11 1.55 30.68
C LEU B 71 -14.80 0.74 31.80
N ASN B 72 -14.08 -0.19 32.41
CA ASN B 72 -14.65 -1.08 33.41
C ASN B 72 -15.06 -0.38 34.68
N GLN B 73 -14.29 0.64 35.05
CA GLN B 73 -14.68 1.52 36.11
C GLN B 73 -16.05 2.17 35.90
N TRP B 74 -16.30 2.65 34.69
CA TRP B 74 -17.56 3.39 34.46
C TRP B 74 -18.73 2.44 34.38
N LEU B 75 -18.47 1.22 33.90
CA LEU B 75 -19.47 0.18 33.88
C LEU B 75 -19.89 -0.19 35.31
N MET B 76 -18.92 -0.35 36.20
CA MET B 76 -19.22 -0.63 37.61
C MET B 76 -19.92 0.53 38.26
N GLU B 77 -19.55 1.76 37.93
CA GLU B 77 -20.25 2.91 38.53
C GLU B 77 -21.74 2.90 38.15
N GLN B 78 -22.05 2.60 36.89
CA GLN B 78 -23.44 2.51 36.44
C GLN B 78 -24.20 1.39 37.12
N LEU B 79 -23.60 0.19 37.22
CA LEU B 79 -24.23 -0.91 37.96
C LEU B 79 -24.50 -0.57 39.43
N ILE B 80 -23.54 0.11 40.07
CA ILE B 80 -23.69 0.49 41.48
C ILE B 80 -24.82 1.48 41.65
N MET B 81 -24.93 2.44 40.75
CA MET B 81 -26.05 3.42 40.79
C MET B 81 -27.42 2.77 40.60
N ILE B 82 -27.48 1.80 39.71
CA ILE B 82 -28.72 1.07 39.50
C ILE B 82 -29.10 0.24 40.72
N ASP B 83 -28.15 -0.40 41.40
CA ASP B 83 -28.38 -1.08 42.68
C ASP B 83 -28.93 -0.15 43.76
N ALA B 84 -28.37 1.05 43.88
CA ALA B 84 -28.81 1.99 44.84
C ALA B 84 -30.24 2.46 44.55
N LEU B 85 -30.56 2.70 43.29
CA LEU B 85 -31.93 3.08 42.93
C LEU B 85 -32.90 1.94 43.19
N LYS B 86 -32.49 0.72 42.92
CA LYS B 86 -33.36 -0.41 43.22
C LYS B 86 -33.65 -0.51 44.73
N ARG B 87 -32.64 -0.31 45.58
CA ARG B 87 -32.83 -0.33 47.04
C ARG B 87 -33.40 0.93 47.62
N GLY B 88 -33.39 2.02 46.85
CA GLY B 88 -34.05 3.24 47.24
C GLY B 88 -35.47 3.36 46.74
N SER B 89 -36.06 2.27 46.25
CA SER B 89 -37.47 2.26 45.80
C SER B 89 -37.80 3.18 44.64
N ALA B 90 -36.90 3.26 43.67
CA ALA B 90 -37.26 3.78 42.36
C ALA B 90 -38.32 2.88 41.70
N LYS B 91 -39.27 3.50 41.03
CA LYS B 91 -40.34 2.76 40.37
C LYS B 91 -39.87 2.06 39.08
N ARG B 92 -39.14 2.77 38.22
CA ARG B 92 -38.69 2.28 36.93
C ARG B 92 -37.28 2.79 36.69
N ILE B 93 -36.39 1.93 36.19
CA ILE B 93 -34.99 2.28 35.94
C ILE B 93 -34.61 2.01 34.51
N THR B 94 -34.20 3.05 33.80
CA THR B 94 -33.68 2.89 32.47
C THR B 94 -32.18 3.20 32.46
N ALA B 95 -31.37 2.29 31.93
CA ALA B 95 -29.94 2.54 31.75
C ALA B 95 -29.72 3.09 30.37
N ILE B 96 -28.98 4.18 30.29
CA ILE B 96 -28.61 4.74 29.01
C ILE B 96 -27.12 4.56 28.80
N LEU B 97 -26.75 3.86 27.75
CA LEU B 97 -25.35 3.63 27.46
C LEU B 97 -25.11 4.07 26.04
N PRO B 98 -24.79 5.35 25.84
CA PRO B 98 -24.62 5.84 24.45
C PRO B 98 -23.64 5.03 23.59
N PHE B 99 -22.52 4.63 24.16
CA PHE B 99 -21.63 3.66 23.54
C PHE B 99 -21.73 2.39 24.42
N TYR B 100 -22.23 1.32 23.85
CA TYR B 100 -22.46 0.08 24.55
C TYR B 100 -21.11 -0.63 24.74
N PRO B 101 -20.65 -0.73 25.99
CA PRO B 101 -19.39 -1.44 26.23
C PRO B 101 -19.45 -2.93 25.88
N TYR B 102 -18.33 -3.41 25.32
CA TYR B 102 -18.14 -4.78 24.91
C TYR B 102 -19.00 -5.17 23.72
N ALA B 103 -19.57 -4.18 23.01
CA ALA B 103 -20.36 -4.48 21.83
C ALA B 103 -19.62 -5.27 20.76
N ARG B 104 -18.31 -5.08 20.62
CA ARG B 104 -17.54 -5.85 19.63
C ARG B 104 -17.42 -7.32 19.93
N GLN B 105 -17.49 -7.69 21.20
CA GLN B 105 -17.49 -9.08 21.60
C GLN B 105 -18.93 -9.62 21.71
N ASP B 106 -19.60 -9.76 20.55
CA ASP B 106 -21.01 -10.20 20.46
C ASP B 106 -21.17 -11.60 19.87
N LYS B 107 -20.06 -12.32 19.75
CA LYS B 107 -20.05 -13.71 19.31
C LYS B 107 -18.69 -14.30 19.66
N LYS B 108 -18.54 -15.62 19.48
CA LYS B 108 -17.34 -16.32 19.88
C LYS B 108 -16.16 -16.26 18.94
N HIS B 109 -16.34 -15.90 17.67
CA HIS B 109 -15.21 -15.84 16.69
C HIS B 109 -14.46 -17.14 16.53
N ARG B 110 -15.19 -18.25 16.54
CA ARG B 110 -14.63 -19.63 16.60
C ARG B 110 -13.87 -19.98 17.90
N GLY B 111 -14.55 -19.76 19.05
CA GLY B 111 -14.21 -20.30 20.42
C GLY B 111 -12.87 -19.82 20.92
N ARG B 112 -12.41 -20.12 22.15
CA ARG B 112 -13.17 -20.38 23.34
C ARG B 112 -13.26 -19.09 24.12
N GLU B 113 -14.28 -18.32 23.79
CA GLU B 113 -14.34 -16.94 24.16
C GLU B 113 -15.66 -16.68 24.86
N PRO B 114 -15.73 -15.55 25.54
CA PRO B 114 -16.97 -15.11 26.13
C PRO B 114 -17.81 -14.36 25.11
N ILE B 115 -19.09 -14.22 25.40
CA ILE B 115 -19.91 -13.28 24.68
C ILE B 115 -20.16 -12.12 25.61
N SER B 116 -19.19 -11.24 25.67
CA SER B 116 -19.17 -10.16 26.65
C SER B 116 -20.30 -9.18 26.52
N ALA B 117 -20.75 -8.94 25.30
CA ALA B 117 -21.93 -8.06 25.11
C ALA B 117 -23.18 -8.61 25.77
N ARG B 118 -23.33 -9.92 25.77
CA ARG B 118 -24.47 -10.59 26.43
C ARG B 118 -24.29 -10.54 27.96
N LEU B 119 -23.06 -10.65 28.42
CA LEU B 119 -22.79 -10.52 29.87
C LEU B 119 -23.14 -9.15 30.39
N VAL B 120 -22.82 -8.10 29.63
CA VAL B 120 -23.17 -6.76 30.03
C VAL B 120 -24.68 -6.59 30.22
N ALA B 121 -25.47 -7.13 29.28
CA ALA B 121 -26.93 -7.01 29.39
C ALA B 121 -27.45 -7.74 30.61
N ASP B 122 -26.90 -8.92 30.91
CA ASP B 122 -27.31 -9.70 32.10
C ASP B 122 -26.96 -8.98 33.39
N LEU B 123 -25.77 -8.39 33.46
CA LEU B 123 -25.37 -7.66 34.63
C LEU B 123 -26.28 -6.45 34.88
N LEU B 124 -26.63 -5.72 33.82
CA LEU B 124 -27.57 -4.58 33.94
C LEU B 124 -28.95 -5.02 34.42
N LYS B 125 -29.44 -6.16 33.94
CA LYS B 125 -30.68 -6.76 34.41
C LYS B 125 -30.64 -7.15 35.91
N THR B 126 -29.58 -7.84 36.31
CA THR B 126 -29.36 -8.24 37.71
C THR B 126 -29.26 -7.04 38.67
N ALA B 127 -28.59 -5.98 38.24
CA ALA B 127 -28.50 -4.76 39.03
C ALA B 127 -29.86 -4.11 39.28
N GLY B 128 -30.81 -4.33 38.37
CA GLY B 128 -32.18 -3.78 38.50
C GLY B 128 -32.70 -2.96 37.33
N ALA B 129 -32.00 -2.93 36.20
CA ALA B 129 -32.46 -2.14 35.06
C ALA B 129 -33.64 -2.79 34.36
N ASP B 130 -34.64 -1.97 34.02
CA ASP B 130 -35.86 -2.42 33.35
C ASP B 130 -35.78 -2.14 31.86
N ARG B 131 -34.89 -1.24 31.45
CA ARG B 131 -34.77 -0.85 30.04
C ARG B 131 -33.33 -0.46 29.75
N ILE B 132 -32.91 -0.66 28.50
CA ILE B 132 -31.62 -0.17 28.02
C ILE B 132 -31.82 0.72 26.79
N VAL B 133 -31.14 1.86 26.76
CA VAL B 133 -31.16 2.75 25.63
C VAL B 133 -29.73 2.88 25.14
N SER B 134 -29.52 2.67 23.85
CA SER B 134 -28.19 2.77 23.26
C SER B 134 -28.19 3.36 21.86
N VAL B 135 -27.04 3.81 21.36
CA VAL B 135 -26.94 4.47 20.07
C VAL B 135 -26.02 3.69 19.20
N ASP B 136 -26.50 3.32 18.02
CA ASP B 136 -25.70 2.56 17.03
C ASP B 136 -24.82 1.44 17.59
N LEU B 137 -25.49 0.44 18.09
CA LEU B 137 -24.91 -0.84 18.42
C LEU B 137 -24.09 -1.43 17.26
N HIS B 138 -23.01 -2.08 17.63
CA HIS B 138 -22.12 -2.71 16.68
C HIS B 138 -22.85 -3.68 15.78
N THR B 139 -23.77 -4.43 16.37
CA THR B 139 -24.75 -5.23 15.62
C THR B 139 -26.13 -5.01 16.21
N ASP B 140 -27.13 -5.02 15.34
CA ASP B 140 -28.50 -4.79 15.74
C ASP B 140 -29.00 -5.92 16.66
N GLN B 141 -28.43 -7.11 16.54
CA GLN B 141 -28.90 -8.26 17.28
C GLN B 141 -28.66 -8.15 18.77
N ILE B 142 -27.75 -7.26 19.18
CA ILE B 142 -27.53 -6.94 20.59
C ILE B 142 -28.81 -6.53 21.31
N GLN B 143 -29.74 -5.96 20.58
CA GLN B 143 -31.09 -5.65 21.08
C GLN B 143 -31.79 -6.89 21.70
N GLY B 144 -31.57 -8.07 21.14
CA GLY B 144 -32.09 -9.29 21.73
C GLY B 144 -31.36 -9.85 22.95
N PHE B 145 -30.25 -9.25 23.35
CA PHE B 145 -29.46 -9.74 24.50
C PHE B 145 -30.05 -9.42 25.85
N PHE B 146 -31.00 -8.50 25.90
CA PHE B 146 -31.59 -8.02 27.13
C PHE B 146 -33.05 -8.47 27.19
N ASP B 147 -33.46 -8.99 28.34
CA ASP B 147 -34.81 -9.53 28.51
C ASP B 147 -35.78 -8.39 28.86
N GLY B 148 -36.13 -7.57 27.88
CA GLY B 148 -36.88 -6.34 28.18
C GLY B 148 -36.72 -5.35 27.07
N PRO B 149 -37.37 -4.18 27.18
CA PRO B 149 -37.27 -3.15 26.13
C PRO B 149 -35.85 -2.64 25.91
N VAL B 150 -35.43 -2.53 24.67
CA VAL B 150 -34.16 -1.94 24.32
C VAL B 150 -34.42 -0.95 23.20
N ASP B 151 -34.33 0.34 23.49
CA ASP B 151 -34.43 1.36 22.45
C ASP B 151 -33.07 1.58 21.76
N HIS B 152 -32.97 1.17 20.50
CA HIS B 152 -31.74 1.25 19.72
C HIS B 152 -31.81 2.45 18.81
N MET B 153 -31.21 3.54 19.24
CA MET B 153 -31.26 4.80 18.53
C MET B 153 -30.20 4.87 17.43
N ARG B 154 -30.57 5.49 16.32
CA ARG B 154 -29.70 5.57 15.17
C ARG B 154 -29.29 7.00 14.89
N ALA B 155 -28.02 7.20 14.60
CA ALA B 155 -27.49 8.52 14.27
C ALA B 155 -27.43 8.73 12.74
N GLN B 156 -27.84 7.73 11.98
CA GLN B 156 -27.81 7.79 10.51
C GLN B 156 -28.43 9.04 9.89
N LYS B 157 -29.67 9.35 10.28
CA LYS B 157 -30.32 10.59 9.81
C LYS B 157 -29.50 11.83 10.15
N LEU B 158 -28.98 11.89 11.38
CA LEU B 158 -28.17 13.00 11.82
C LEU B 158 -26.90 13.15 10.98
N LEU B 159 -26.18 12.06 10.78
CA LEU B 159 -24.94 12.10 10.01
C LEU B 159 -25.17 12.33 8.50
N THR B 160 -26.17 11.68 7.89
CA THR B 160 -26.42 11.81 6.46
C THR B 160 -27.08 13.15 6.18
N GLY B 161 -27.88 13.67 7.11
CA GLY B 161 -28.39 15.03 7.00
C GLY B 161 -27.28 16.06 6.86
N TYR B 162 -26.23 15.91 7.67
CA TYR B 162 -25.11 16.85 7.67
C TYR B 162 -24.34 16.71 6.36
N ILE B 163 -24.09 15.47 5.96
CA ILE B 163 -23.39 15.22 4.70
C ILE B 163 -24.18 15.74 3.49
N GLY B 164 -25.49 15.57 3.50
CA GLY B 164 -26.37 16.12 2.50
C GLY B 164 -26.32 17.64 2.41
N GLU B 165 -26.29 18.37 3.53
CA GLU B 165 -26.19 19.86 3.48
C GLU B 165 -24.85 20.28 2.81
N HIS B 166 -23.75 19.63 3.14
CA HIS B 166 -22.42 20.12 2.71
C HIS B 166 -21.80 19.47 1.48
N TYR B 167 -22.31 18.33 1.04
CA TYR B 167 -21.72 17.63 -0.10
C TYR B 167 -22.74 17.20 -1.14
N ALA B 168 -23.91 17.83 -1.15
CA ALA B 168 -24.93 17.53 -2.19
C ALA B 168 -24.41 17.75 -3.63
N ASP B 169 -23.54 18.75 -3.80
CA ASP B 169 -22.98 19.07 -5.10
C ASP B 169 -22.06 17.99 -5.64
N GLU B 170 -21.54 17.16 -4.76
CA GLU B 170 -20.52 16.20 -5.13
C GLU B 170 -21.12 14.96 -5.77
N ASP B 171 -20.24 14.23 -6.44
CA ASP B 171 -20.54 12.95 -7.05
C ASP B 171 -20.08 11.86 -6.07
N MET B 172 -21.05 11.27 -5.35
CA MET B 172 -20.75 10.44 -4.16
C MET B 172 -20.77 8.94 -4.41
N VAL B 173 -19.88 8.24 -3.70
CA VAL B 173 -19.97 6.79 -3.54
C VAL B 173 -19.87 6.49 -2.05
N VAL B 174 -20.74 5.61 -1.54
CA VAL B 174 -20.63 5.17 -0.16
C VAL B 174 -19.70 3.96 -0.13
N VAL B 175 -18.72 3.96 0.78
CA VAL B 175 -17.72 2.89 0.84
C VAL B 175 -17.69 2.29 2.23
N SER B 176 -17.76 0.96 2.29
CA SER B 176 -17.63 0.25 3.56
C SER B 176 -16.19 -0.19 3.72
N PRO B 177 -15.57 0.10 4.89
CA PRO B 177 -14.17 -0.28 5.08
C PRO B 177 -13.92 -1.79 5.21
N ASP B 178 -14.98 -2.58 5.41
CA ASP B 178 -14.86 -4.02 5.41
C ASP B 178 -16.19 -4.70 5.10
N SER B 179 -16.13 -6.01 4.91
CA SER B 179 -17.28 -6.81 4.51
C SER B 179 -18.42 -6.84 5.53
N GLY B 180 -18.12 -6.63 6.81
CA GLY B 180 -19.12 -6.61 7.85
C GLY B 180 -20.11 -5.45 7.82
N ARG B 181 -19.71 -4.30 7.28
CA ARG B 181 -20.56 -3.11 7.35
C ARG B 181 -21.31 -2.77 6.04
N VAL B 182 -21.34 -3.68 5.07
CA VAL B 182 -21.88 -3.36 3.75
C VAL B 182 -23.39 -3.02 3.83
N ARG B 183 -24.13 -3.70 4.68
CA ARG B 183 -25.58 -3.47 4.79
C ARG B 183 -25.91 -2.08 5.29
N VAL B 184 -25.18 -1.61 6.29
CA VAL B 184 -25.43 -0.26 6.81
C VAL B 184 -25.01 0.75 5.75
N ALA B 185 -23.89 0.50 5.09
CA ALA B 185 -23.45 1.34 3.98
C ALA B 185 -24.51 1.45 2.90
N GLU B 186 -25.19 0.34 2.61
CA GLU B 186 -26.30 0.31 1.67
C GLU B 186 -27.45 1.23 2.12
N LYS B 187 -27.76 1.23 3.40
CA LYS B 187 -28.77 2.14 3.97
C LYS B 187 -28.39 3.61 3.77
N TRP B 188 -27.12 3.93 3.93
CA TRP B 188 -26.63 5.29 3.76
C TRP B 188 -26.73 5.75 2.32
N ALA B 189 -26.36 4.88 1.39
CA ALA B 189 -26.46 5.18 -0.04
C ALA B 189 -27.90 5.52 -0.43
N ASP B 190 -28.85 4.80 0.14
CA ASP B 190 -30.28 5.09 -0.08
C ASP B 190 -30.66 6.50 0.49
N SER B 191 -30.23 6.79 1.72
CA SER B 191 -30.43 8.11 2.36
C SER B 191 -29.83 9.28 1.58
N LEU B 192 -28.73 9.01 0.87
CA LEU B 192 -28.04 10.03 0.10
C LEU B 192 -28.50 10.16 -1.36
N GLY B 193 -29.66 9.58 -1.69
CA GLY B 193 -30.26 9.70 -3.01
C GLY B 193 -29.98 8.56 -3.97
N GLY B 194 -29.73 7.36 -3.45
CA GLY B 194 -29.48 6.20 -4.30
C GLY B 194 -28.15 6.24 -5.04
N VAL B 195 -27.09 6.62 -4.35
CA VAL B 195 -25.76 6.66 -4.95
C VAL B 195 -25.10 5.27 -4.96
N PRO B 196 -24.03 5.07 -5.76
CA PRO B 196 -23.35 3.77 -5.80
C PRO B 196 -22.61 3.38 -4.49
N LEU B 197 -22.19 2.12 -4.47
CA LEU B 197 -21.68 1.47 -3.30
C LEU B 197 -20.39 0.73 -3.61
N ALA B 198 -19.45 0.76 -2.68
CA ALA B 198 -18.18 0.04 -2.82
C ALA B 198 -17.71 -0.42 -1.45
N PHE B 199 -16.81 -1.39 -1.42
CA PHE B 199 -16.24 -1.83 -0.16
C PHE B 199 -14.86 -2.42 -0.34
N ILE B 200 -14.11 -2.45 0.77
CA ILE B 200 -12.77 -3.03 0.79
C ILE B 200 -12.85 -4.55 1.05
N HIS B 201 -12.33 -5.35 0.11
CA HIS B 201 -12.26 -6.82 0.21
C HIS B 201 -10.88 -7.21 0.69
N LYS B 202 -10.82 -7.99 1.75
CA LYS B 202 -9.57 -8.49 2.30
C LYS B 202 -9.47 -9.99 2.11
N THR B 203 -8.44 -10.43 1.41
CA THR B 203 -8.20 -11.86 1.21
C THR B 203 -7.22 -12.32 2.26
N ARG B 204 -7.53 -13.44 2.92
CA ARG B 204 -6.67 -13.98 3.98
C ARG B 204 -6.05 -15.31 3.55
N SER B 214 -3.75 -9.40 0.98
CA SER B 214 -3.96 -8.24 0.12
C SER B 214 -5.38 -7.60 0.23
N ASN B 215 -5.47 -6.34 -0.17
CA ASN B 215 -6.68 -5.52 -0.02
C ASN B 215 -7.02 -4.97 -1.36
N ARG B 216 -8.30 -4.97 -1.71
CA ARG B 216 -8.74 -4.50 -3.01
C ARG B 216 -10.03 -3.72 -2.85
N VAL B 217 -10.23 -2.70 -3.64
CA VAL B 217 -11.50 -2.01 -3.64
C VAL B 217 -12.39 -2.70 -4.65
N VAL B 218 -13.63 -2.98 -4.27
CA VAL B 218 -14.59 -3.63 -5.16
C VAL B 218 -15.64 -2.59 -5.42
N GLY B 219 -15.76 -2.19 -6.69
CA GLY B 219 -16.60 -1.07 -7.12
C GLY B 219 -15.73 0.04 -7.71
N ASP B 220 -16.36 0.99 -8.41
CA ASP B 220 -15.62 2.09 -9.02
C ASP B 220 -15.71 3.38 -8.19
N VAL B 221 -14.55 3.88 -7.79
CA VAL B 221 -14.46 5.11 -7.02
C VAL B 221 -13.70 6.20 -7.73
N LYS B 222 -13.16 5.89 -8.91
CA LYS B 222 -12.29 6.82 -9.66
C LYS B 222 -13.00 8.15 -9.91
N GLY B 223 -12.40 9.25 -9.44
CA GLY B 223 -12.97 10.58 -9.57
C GLY B 223 -14.16 10.90 -8.70
N LYS B 224 -14.47 10.05 -7.71
CA LYS B 224 -15.66 10.27 -6.90
C LYS B 224 -15.32 10.70 -5.50
N THR B 225 -16.26 11.37 -4.87
CA THR B 225 -16.17 11.74 -3.46
C THR B 225 -16.67 10.56 -2.60
N CYS B 226 -15.74 9.89 -1.91
CA CYS B 226 -16.06 8.71 -1.11
C CYS B 226 -16.50 9.02 0.30
N ILE B 227 -17.64 8.47 0.71
CA ILE B 227 -18.11 8.55 2.07
C ILE B 227 -17.77 7.20 2.72
N LEU B 228 -16.72 7.19 3.52
CA LEU B 228 -16.27 6.02 4.24
C LEU B 228 -17.05 5.97 5.55
N THR B 229 -17.86 4.94 5.72
CA THR B 229 -18.73 4.88 6.88
C THR B 229 -18.37 3.70 7.80
N ASP B 230 -18.26 3.98 9.09
CA ASP B 230 -18.04 2.94 10.09
C ASP B 230 -18.83 3.22 11.37
N ASP B 231 -19.06 2.21 12.17
CA ASP B 231 -19.72 2.40 13.45
C ASP B 231 -18.86 3.21 14.46
N MET B 232 -17.56 2.94 14.48
CA MET B 232 -16.66 3.58 15.41
C MET B 232 -15.29 3.71 14.81
N ILE B 233 -14.52 4.64 15.34
CA ILE B 233 -13.11 4.74 15.00
C ILE B 233 -12.34 4.55 16.29
N ASP B 234 -11.51 3.51 16.36
CA ASP B 234 -10.71 3.26 17.58
C ASP B 234 -9.28 3.77 17.45
N THR B 235 -8.38 2.99 16.85
CA THR B 235 -6.99 3.44 16.67
C THR B 235 -6.79 4.15 15.35
N GLY B 236 -7.73 3.98 14.42
CA GLY B 236 -7.66 4.61 13.12
C GLY B 236 -6.86 3.82 12.09
N GLY B 237 -6.46 2.61 12.43
CA GLY B 237 -5.61 1.80 11.54
C GLY B 237 -6.34 1.36 10.30
N THR B 238 -7.47 0.69 10.50
CA THR B 238 -8.27 0.15 9.36
C THR B 238 -8.76 1.29 8.50
N ILE B 239 -9.29 2.34 9.13
CA ILE B 239 -9.86 3.44 8.40
C ILE B 239 -8.78 4.20 7.65
N ALA B 240 -7.61 4.43 8.25
CA ALA B 240 -6.53 5.11 7.51
C ALA B 240 -6.08 4.28 6.33
N GLY B 241 -6.00 2.97 6.52
CA GLY B 241 -5.69 2.05 5.43
C GLY B 241 -6.66 2.14 4.26
N ALA B 242 -7.94 2.26 4.57
CA ALA B 242 -8.96 2.40 3.55
C ALA B 242 -8.84 3.72 2.79
N VAL B 243 -8.46 4.79 3.47
CA VAL B 243 -8.31 6.08 2.82
C VAL B 243 -7.23 5.98 1.77
N ASN B 244 -6.11 5.40 2.15
CA ASN B 244 -4.98 5.27 1.27
C ASN B 244 -5.29 4.41 0.04
N LEU B 245 -6.04 3.34 0.26
CA LEU B 245 -6.48 2.46 -0.82
C LEU B 245 -7.40 3.17 -1.80
N LEU B 246 -8.31 3.98 -1.27
CA LEU B 246 -9.22 4.74 -2.12
C LEU B 246 -8.46 5.80 -2.93
N ARG B 247 -7.45 6.37 -2.31
CA ARG B 247 -6.57 7.36 -2.94
C ARG B 247 -5.85 6.77 -4.11
N GLU B 248 -5.24 5.62 -3.88
CA GLU B 248 -4.60 4.85 -4.91
C GLU B 248 -5.51 4.47 -6.05
N ASP B 249 -6.80 4.34 -5.79
CA ASP B 249 -7.74 3.99 -6.85
C ASP B 249 -8.38 5.20 -7.53
N GLY B 250 -7.85 6.39 -7.27
CA GLY B 250 -8.23 7.60 -7.98
C GLY B 250 -9.45 8.32 -7.46
N ALA B 251 -9.70 8.24 -6.17
CA ALA B 251 -10.79 8.99 -5.56
C ALA B 251 -10.42 10.44 -5.52
N LYS B 252 -11.39 11.29 -5.82
CA LYS B 252 -11.17 12.74 -5.69
C LYS B 252 -11.00 13.17 -4.24
N ASP B 253 -11.88 12.66 -3.39
CA ASP B 253 -12.08 13.10 -2.02
C ASP B 253 -12.46 11.88 -1.18
N VAL B 254 -12.10 11.90 0.10
CA VAL B 254 -12.66 10.95 1.09
C VAL B 254 -13.19 11.64 2.33
N ILE B 255 -14.42 11.30 2.70
CA ILE B 255 -15.05 11.77 3.92
C ILE B 255 -15.29 10.59 4.84
N ILE B 256 -14.88 10.74 6.10
CA ILE B 256 -15.07 9.72 7.13
C ILE B 256 -16.21 10.08 8.04
N ALA B 257 -17.13 9.15 8.22
CA ALA B 257 -18.25 9.36 9.12
C ALA B 257 -18.45 8.16 10.02
N ALA B 258 -18.53 8.38 11.32
CA ALA B 258 -18.75 7.32 12.29
C ALA B 258 -19.51 7.85 13.47
N THR B 259 -20.29 7.01 14.12
CA THR B 259 -21.01 7.46 15.31
C THR B 259 -20.10 7.65 16.51
N HIS B 260 -19.26 6.68 16.81
CA HIS B 260 -18.50 6.71 18.03
C HIS B 260 -17.03 7.04 17.80
N GLY B 261 -16.56 8.11 18.43
CA GLY B 261 -15.19 8.51 18.33
C GLY B 261 -14.53 8.03 19.59
N VAL B 262 -13.93 6.85 19.53
CA VAL B 262 -13.17 6.32 20.64
C VAL B 262 -11.80 7.01 20.57
N LEU B 263 -11.23 7.07 19.36
CA LEU B 263 -10.05 7.85 19.04
C LEU B 263 -8.88 7.70 20.03
N SER B 264 -8.54 6.46 20.33
CA SER B 264 -7.41 6.22 21.22
C SER B 264 -6.09 6.35 20.45
N ASP B 265 -5.02 6.50 21.23
CA ASP B 265 -3.65 6.43 20.78
C ASP B 265 -3.30 7.43 19.72
N PRO B 266 -2.87 6.95 18.54
CA PRO B 266 -2.37 7.81 17.46
C PRO B 266 -3.46 8.19 16.47
N ALA B 267 -4.72 7.86 16.77
CA ALA B 267 -5.78 8.08 15.80
C ALA B 267 -5.91 9.52 15.41
N PRO B 268 -5.83 10.44 16.35
CA PRO B 268 -5.91 11.86 15.95
C PRO B 268 -4.82 12.30 14.97
N GLN B 269 -3.59 11.89 15.24
CA GLN B 269 -2.46 12.17 14.35
C GLN B 269 -2.57 11.41 12.99
N ARG B 270 -2.92 10.15 13.06
CA ARG B 270 -3.14 9.32 11.88
C ARG B 270 -4.21 9.87 10.93
N LEU B 271 -5.35 10.27 11.47
CA LEU B 271 -6.47 10.77 10.67
C LEU B 271 -6.21 12.16 10.11
N ALA B 272 -5.57 13.02 10.92
CA ALA B 272 -5.18 14.36 10.47
C ALA B 272 -4.18 14.34 9.30
N GLU B 273 -3.32 13.36 9.27
CA GLU B 273 -2.32 13.26 8.20
C GLU B 273 -2.66 12.32 7.07
N CYS B 274 -3.73 11.55 7.19
CA CYS B 274 -4.22 10.80 6.02
C CYS B 274 -4.96 11.80 5.15
N GLY B 275 -5.30 11.41 3.95
CA GLY B 275 -5.86 12.42 3.03
C GLY B 275 -7.24 12.97 3.32
N ALA B 276 -7.93 12.47 4.35
CA ALA B 276 -9.36 12.78 4.46
C ALA B 276 -9.69 14.26 4.67
N ARG B 277 -10.67 14.72 3.92
CA ARG B 277 -11.12 16.09 3.94
C ARG B 277 -11.92 16.41 5.20
N GLU B 278 -12.69 15.43 5.67
CA GLU B 278 -13.46 15.61 6.88
C GLU B 278 -13.64 14.31 7.63
N VAL B 279 -13.70 14.41 8.95
CA VAL B 279 -14.02 13.27 9.81
C VAL B 279 -15.17 13.69 10.69
N ILE B 280 -16.30 13.01 10.61
CA ILE B 280 -17.50 13.41 11.32
C ILE B 280 -17.82 12.32 12.34
N VAL B 281 -17.96 12.74 13.61
CA VAL B 281 -18.40 11.86 14.68
C VAL B 281 -19.50 12.50 15.50
N THR B 282 -20.12 11.72 16.37
CA THR B 282 -20.99 12.27 17.43
C THR B 282 -20.27 12.33 18.76
N ASN B 283 -20.93 12.89 19.77
CA ASN B 283 -20.35 12.96 21.09
C ASN B 283 -20.96 11.90 22.05
N THR B 284 -21.14 10.67 21.59
CA THR B 284 -21.49 9.56 22.47
C THR B 284 -20.39 9.29 23.49
N LEU B 285 -19.15 9.53 23.10
CA LEU B 285 -17.99 9.53 23.98
C LEU B 285 -17.48 10.94 24.10
N PRO B 286 -16.80 11.26 25.20
CA PRO B 286 -16.29 12.64 25.32
C PRO B 286 -15.10 12.84 24.39
N ILE B 287 -15.15 13.89 23.57
CA ILE B 287 -14.07 14.18 22.65
C ILE B 287 -13.21 15.25 23.28
N THR B 288 -12.17 14.83 23.99
CA THR B 288 -11.33 15.77 24.74
C THR B 288 -10.44 16.52 23.76
N GLU B 289 -9.77 17.52 24.29
CA GLU B 289 -8.99 18.41 23.46
C GLU B 289 -7.75 17.70 22.88
N ASP B 290 -7.25 16.67 23.54
CA ASP B 290 -6.19 15.84 22.95
C ASP B 290 -6.60 15.02 21.71
N LYS B 291 -7.90 14.73 21.60
CA LYS B 291 -8.41 13.94 20.48
C LYS B 291 -8.87 14.83 19.30
N ARG B 292 -8.91 16.16 19.50
CA ARG B 292 -9.31 17.06 18.46
C ARG B 292 -8.24 17.35 17.37
N PHE B 293 -8.73 17.62 16.17
CA PHE B 293 -7.92 18.00 15.02
C PHE B 293 -8.76 18.76 14.00
N PRO B 294 -8.12 19.42 13.02
CA PRO B 294 -8.89 20.41 12.24
C PRO B 294 -10.04 19.84 11.36
N GLN B 295 -9.82 18.66 10.78
CA GLN B 295 -10.81 18.01 9.93
C GLN B 295 -11.99 17.43 10.75
N LEU B 296 -11.85 17.32 12.07
CA LEU B 296 -12.85 16.75 12.95
C LEU B 296 -14.07 17.63 13.20
N THR B 297 -15.24 17.07 12.95
CA THR B 297 -16.49 17.71 13.27
C THR B 297 -17.26 16.83 14.25
N VAL B 298 -17.79 17.43 15.30
CA VAL B 298 -18.55 16.70 16.31
C VAL B 298 -19.96 17.17 16.35
N LEU B 299 -20.91 16.27 16.13
CA LEU B 299 -22.31 16.62 16.22
C LEU B 299 -22.85 16.08 17.53
N SER B 300 -23.80 16.79 18.11
CA SER B 300 -24.34 16.40 19.39
C SER B 300 -25.38 15.31 19.25
N ILE B 301 -25.28 14.29 20.09
CA ILE B 301 -26.30 13.26 20.21
C ILE B 301 -27.35 13.64 21.26
N ALA B 302 -27.19 14.77 21.94
CA ALA B 302 -28.07 15.11 23.05
C ALA B 302 -29.54 15.25 22.68
N PRO B 303 -29.87 15.93 21.57
CA PRO B 303 -31.31 16.10 21.26
C PRO B 303 -32.01 14.75 21.02
N LEU B 304 -31.29 13.81 20.38
CA LEU B 304 -31.78 12.47 20.18
C LEU B 304 -31.99 11.71 21.53
N LEU B 305 -31.02 11.79 22.44
CA LEU B 305 -31.18 11.23 23.76
C LEU B 305 -32.31 11.86 24.55
N ALA B 306 -32.44 13.19 24.52
CA ALA B 306 -33.53 13.86 25.23
C ALA B 306 -34.91 13.46 24.70
N ASN B 307 -35.07 13.36 23.39
CA ASN B 307 -36.34 12.89 22.82
C ASN B 307 -36.69 11.48 23.23
N THR B 308 -35.70 10.60 23.24
CA THR B 308 -35.93 9.21 23.63
C THR B 308 -36.36 9.13 25.13
N ILE B 309 -35.69 9.88 26.01
CA ILE B 309 -36.05 9.90 27.42
C ILE B 309 -37.46 10.40 27.58
N ARG B 310 -37.82 11.44 26.85
CA ARG B 310 -39.13 12.02 26.98
C ARG B 310 -40.21 11.01 26.56
N ALA B 311 -39.97 10.30 25.46
CA ALA B 311 -40.92 9.33 24.95
C ALA B 311 -41.07 8.15 25.89
N VAL B 312 -39.97 7.68 26.46
CA VAL B 312 -40.00 6.58 27.44
C VAL B 312 -40.76 7.02 28.69
N PHE B 313 -40.42 8.21 29.17
CA PHE B 313 -41.09 8.76 30.34
C PHE B 313 -42.59 9.00 30.13
N GLU B 314 -42.93 9.60 28.99
CA GLU B 314 -44.36 9.87 28.68
C GLU B 314 -45.17 8.57 28.60
N ASN B 315 -44.54 7.50 28.14
CA ASN B 315 -45.11 6.15 28.23
C ASN B 315 -46.51 6.03 27.59
N GLY B 316 -46.73 6.72 26.46
CA GLY B 316 -48.07 6.85 25.83
C GLY B 316 -48.83 8.14 26.13
N LYS C 10 41.14 11.93 -4.64
CA LYS C 10 39.91 11.27 -4.03
C LYS C 10 38.80 12.21 -3.61
N ASN C 11 37.59 11.92 -4.04
CA ASN C 11 36.48 12.83 -3.83
C ASN C 11 35.23 12.03 -3.43
N LEU C 12 34.69 12.30 -2.24
CA LEU C 12 33.54 11.58 -1.70
C LEU C 12 32.27 12.25 -2.18
N MET C 13 31.41 11.48 -2.86
CA MET C 13 30.10 11.98 -3.27
C MET C 13 28.99 11.05 -2.82
N LEU C 14 27.97 11.64 -2.23
CA LEU C 14 26.87 10.94 -1.63
C LEU C 14 25.65 11.22 -2.47
N PHE C 15 25.01 10.14 -2.94
CA PHE C 15 23.83 10.21 -3.79
C PHE C 15 22.73 9.53 -3.01
N ALA C 16 21.52 10.01 -3.16
CA ALA C 16 20.40 9.41 -2.46
C ALA C 16 19.20 9.30 -3.38
N GLY C 17 18.50 8.16 -3.31
CA GLY C 17 17.19 8.06 -3.90
C GLY C 17 16.12 8.75 -3.07
N ARG C 18 14.90 8.77 -3.59
CA ARG C 18 13.77 9.49 -2.96
C ARG C 18 13.03 8.73 -1.86
N ALA C 19 13.31 7.45 -1.66
CA ALA C 19 12.51 6.62 -0.75
C ALA C 19 12.58 7.02 0.73
N HIS C 20 13.72 7.51 1.16
CA HIS C 20 13.86 7.73 2.57
C HIS C 20 14.72 8.94 2.83
N PRO C 21 14.16 10.14 2.62
CA PRO C 21 14.91 11.40 2.68
C PRO C 21 15.46 11.80 4.06
N GLU C 22 14.75 11.48 5.13
CA GLU C 22 15.27 11.75 6.46
C GLU C 22 16.57 10.98 6.78
N LEU C 23 16.67 9.71 6.36
CA LEU C 23 17.91 8.96 6.57
C LEU C 23 19.06 9.58 5.81
N ALA C 24 18.82 9.94 4.56
CA ALA C 24 19.86 10.58 3.72
C ALA C 24 20.36 11.90 4.34
N ASP C 25 19.44 12.72 4.84
CA ASP C 25 19.81 13.97 5.50
C ASP C 25 20.61 13.71 6.78
N GLN C 26 20.21 12.72 7.57
CA GLN C 26 20.95 12.39 8.81
C GLN C 26 22.36 11.89 8.50
N VAL C 27 22.51 11.07 7.47
CA VAL C 27 23.82 10.56 7.10
C VAL C 27 24.71 11.68 6.62
N ALA C 28 24.17 12.53 5.77
CA ALA C 28 24.88 13.68 5.23
C ALA C 28 25.40 14.60 6.33
N LYS C 29 24.56 14.85 7.34
CA LYS C 29 24.98 15.67 8.49
C LYS C 29 26.11 15.05 9.24
N GLU C 30 26.08 13.73 9.48
CA GLU C 30 27.16 13.05 10.22
C GLU C 30 28.50 13.07 9.48
N LEU C 31 28.45 12.99 8.16
CA LEU C 31 29.64 13.11 7.29
C LEU C 31 30.10 14.52 7.01
N ASP C 32 29.24 15.52 7.24
CA ASP C 32 29.50 16.90 6.88
C ASP C 32 29.70 17.08 5.37
N VAL C 33 28.89 16.36 4.58
CA VAL C 33 28.91 16.51 3.11
C VAL C 33 27.50 16.77 2.67
N ALA C 34 27.33 17.47 1.57
CA ALA C 34 26.00 17.62 0.98
C ALA C 34 25.64 16.44 0.07
N VAL C 35 24.36 16.11 0.01
CA VAL C 35 23.86 15.17 -0.97
C VAL C 35 24.01 15.81 -2.34
N THR C 36 24.47 15.05 -3.32
CA THR C 36 24.66 15.54 -4.68
C THR C 36 23.31 15.82 -5.35
N ALA C 37 23.23 16.97 -6.01
CA ALA C 37 22.01 17.44 -6.65
C ALA C 37 21.65 16.56 -7.82
N GLN C 38 20.38 16.24 -7.95
CA GLN C 38 19.92 15.45 -9.05
C GLN C 38 18.44 15.63 -9.28
N THR C 39 18.02 15.42 -10.51
CA THR C 39 16.63 15.41 -10.90
C THR C 39 16.19 13.96 -10.90
N ALA C 40 15.18 13.63 -10.11
CA ALA C 40 14.66 12.27 -10.03
C ALA C 40 13.15 12.36 -10.06
N ARG C 41 12.56 11.88 -11.14
CA ARG C 41 11.12 12.04 -11.42
C ARG C 41 10.55 10.88 -12.22
N ASP C 42 9.23 10.77 -12.20
CA ASP C 42 8.51 9.68 -12.82
C ASP C 42 7.72 10.15 -14.00
N PHE C 43 7.87 9.47 -15.13
CA PHE C 43 6.88 9.52 -16.19
C PHE C 43 5.59 8.84 -15.70
N ALA C 44 4.46 9.21 -16.31
CA ALA C 44 3.14 8.70 -15.90
C ALA C 44 3.08 7.19 -16.01
N ASN C 45 3.76 6.70 -17.04
CA ASN C 45 4.14 5.31 -17.20
C ASN C 45 4.64 4.56 -15.94
N GLY C 46 5.44 5.23 -15.11
CA GLY C 46 6.17 4.60 -14.00
C GLY C 46 7.68 4.56 -14.26
N GLU C 47 8.12 4.75 -15.52
CA GLU C 47 9.54 4.84 -15.83
C GLU C 47 10.20 5.98 -15.07
N ILE C 48 11.36 5.70 -14.50
CA ILE C 48 12.09 6.66 -13.69
C ILE C 48 13.13 7.39 -14.53
N PHE C 49 13.22 8.71 -14.33
CA PHE C 49 14.17 9.55 -15.00
C PHE C 49 15.14 10.05 -13.99
N VAL C 50 16.43 9.94 -14.30
CA VAL C 50 17.48 10.33 -13.34
C VAL C 50 18.50 11.17 -14.07
N ARG C 51 18.92 12.29 -13.48
CA ARG C 51 19.99 13.09 -14.05
C ARG C 51 20.78 13.78 -12.96
N PHE C 52 22.10 13.70 -13.04
CA PHE C 52 22.94 14.36 -12.03
C PHE C 52 23.21 15.79 -12.44
N ASP C 53 23.07 16.71 -11.49
CA ASP C 53 23.13 18.13 -11.78
C ASP C 53 24.43 18.78 -11.39
N GLU C 54 25.44 17.96 -11.11
CA GLU C 54 26.82 18.40 -11.05
C GLU C 54 27.70 17.26 -11.55
N SER C 55 28.99 17.53 -11.73
CA SER C 55 29.90 16.52 -12.28
C SER C 55 30.12 15.36 -11.29
N VAL C 56 30.21 14.15 -11.82
CA VAL C 56 30.50 12.98 -11.01
C VAL C 56 31.75 12.22 -11.48
N ARG C 57 32.43 12.70 -12.51
CA ARG C 57 33.67 12.08 -12.98
C ARG C 57 34.66 11.92 -11.84
N GLY C 58 35.21 10.71 -11.70
CA GLY C 58 36.33 10.46 -10.83
C GLY C 58 36.03 10.30 -9.36
N CYS C 59 34.75 10.32 -8.98
CA CYS C 59 34.36 10.32 -7.57
C CYS C 59 34.31 8.91 -6.97
N ASP C 60 34.39 8.86 -5.65
CA ASP C 60 34.06 7.68 -4.88
C ASP C 60 32.59 7.90 -4.49
N ALA C 61 31.68 7.16 -5.12
CA ALA C 61 30.27 7.40 -4.99
C ALA C 61 29.67 6.42 -4.00
N PHE C 62 28.78 6.92 -3.16
CA PHE C 62 27.97 6.12 -2.25
C PHE C 62 26.50 6.39 -2.56
N VAL C 63 25.80 5.36 -3.00
CA VAL C 63 24.46 5.54 -3.48
C VAL C 63 23.57 4.93 -2.42
N LEU C 64 22.89 5.77 -1.67
CA LEU C 64 22.05 5.34 -0.58
C LEU C 64 20.58 5.23 -1.01
N GLN C 65 20.00 4.05 -0.90
CA GLN C 65 18.59 3.86 -1.18
C GLN C 65 17.97 2.85 -0.19
N SER C 66 16.93 3.29 0.50
CA SER C 66 16.14 2.42 1.32
C SER C 66 15.02 1.81 0.44
N HIS C 67 14.38 0.73 0.88
CA HIS C 67 13.46 -0.04 0.02
C HIS C 67 12.14 -0.34 0.67
N PRO C 68 11.38 0.72 1.00
CA PRO C 68 10.05 0.51 1.52
C PRO C 68 9.09 0.23 0.39
N ALA C 69 7.84 -0.06 0.75
CA ALA C 69 6.77 -0.23 -0.24
C ALA C 69 6.53 1.08 -0.99
N PRO C 70 6.36 1.07 -2.32
CA PRO C 70 6.52 -0.09 -3.22
C PRO C 70 8.01 -0.34 -3.61
N LEU C 71 8.49 -1.54 -3.33
CA LEU C 71 9.92 -1.82 -3.27
C LEU C 71 10.66 -1.91 -4.62
N ASN C 72 10.02 -2.48 -5.63
CA ASN C 72 10.64 -2.70 -6.93
C ASN C 72 10.97 -1.41 -7.69
N GLN C 73 10.14 -0.40 -7.50
CA GLN C 73 10.44 0.95 -7.97
C GLN C 73 11.77 1.51 -7.38
N TRP C 74 11.98 1.33 -6.07
CA TRP C 74 13.17 1.91 -5.46
C TRP C 74 14.46 1.09 -5.81
N LEU C 75 14.30 -0.21 -6.04
CA LEU C 75 15.36 -1.02 -6.51
C LEU C 75 15.79 -0.61 -7.94
N MET C 76 14.83 -0.38 -8.83
CA MET C 76 15.16 0.11 -10.16
C MET C 76 15.78 1.50 -10.09
N GLU C 77 15.31 2.38 -9.21
CA GLU C 77 15.90 3.71 -9.14
C GLU C 77 17.38 3.61 -8.78
N GLN C 78 17.72 2.74 -7.83
CA GLN C 78 19.10 2.55 -7.42
C GLN C 78 19.95 1.99 -8.57
N LEU C 79 19.43 0.99 -9.28
CA LEU C 79 20.13 0.44 -10.44
C LEU C 79 20.36 1.47 -11.53
N ILE C 80 19.35 2.31 -11.78
CA ILE C 80 19.47 3.37 -12.77
C ILE C 80 20.55 4.40 -12.38
N MET C 81 20.59 4.79 -11.11
CA MET C 81 21.61 5.72 -10.62
C MET C 81 23.02 5.13 -10.77
N ILE C 82 23.15 3.84 -10.51
CA ILE C 82 24.43 3.17 -10.63
C ILE C 82 24.89 3.14 -12.09
N ASP C 83 23.98 2.86 -13.03
CA ASP C 83 24.24 2.90 -14.49
C ASP C 83 24.71 4.27 -14.90
N ALA C 84 24.06 5.29 -14.40
CA ALA C 84 24.46 6.64 -14.73
C ALA C 84 25.86 7.00 -14.19
N LEU C 85 26.19 6.57 -12.98
CA LEU C 85 27.53 6.80 -12.42
C LEU C 85 28.57 6.02 -13.19
N LYS C 86 28.22 4.82 -13.62
CA LYS C 86 29.17 4.05 -14.40
C LYS C 86 29.47 4.74 -15.75
N ARG C 87 28.44 5.28 -16.42
CA ARG C 87 28.64 5.99 -17.68
C ARG C 87 29.15 7.41 -17.54
N GLY C 88 29.07 7.95 -16.33
CA GLY C 88 29.65 9.22 -16.00
C GLY C 88 31.06 9.14 -15.41
N SER C 89 31.73 7.99 -15.54
CA SER C 89 33.13 7.80 -15.14
C SER C 89 33.38 8.01 -13.67
N ALA C 90 32.45 7.56 -12.82
CA ALA C 90 32.76 7.43 -11.42
C ALA C 90 33.88 6.38 -11.23
N LYS C 91 34.80 6.65 -10.30
CA LYS C 91 35.92 5.76 -10.08
C LYS C 91 35.49 4.47 -9.35
N ARG C 92 34.72 4.62 -8.27
CA ARG C 92 34.29 3.51 -7.39
C ARG C 92 32.85 3.78 -6.99
N ILE C 93 32.00 2.75 -7.05
CA ILE C 93 30.58 2.86 -6.71
C ILE C 93 30.22 1.87 -5.63
N THR C 94 29.80 2.39 -4.48
CA THR C 94 29.33 1.54 -3.40
C THR C 94 27.80 1.70 -3.26
N ALA C 95 27.05 0.61 -3.31
CA ALA C 95 25.60 0.63 -3.09
C ALA C 95 25.33 0.38 -1.61
N ILE C 96 24.52 1.21 -1.00
CA ILE C 96 24.13 1.07 0.36
C ILE C 96 22.65 0.73 0.39
N LEU C 97 22.34 -0.42 0.94
CA LEU C 97 20.97 -0.88 0.98
C LEU C 97 20.71 -1.23 2.41
N PRO C 98 20.31 -0.24 3.23
CA PRO C 98 20.11 -0.53 4.66
C PRO C 98 19.19 -1.73 4.94
N PHE C 99 18.10 -1.87 4.21
CA PHE C 99 17.29 -3.09 4.22
C PHE C 99 17.47 -3.74 2.84
N TYR C 100 18.03 -4.93 2.82
CA TYR C 100 18.34 -5.63 1.59
C TYR C 100 17.07 -6.26 1.01
N PRO C 101 16.67 -5.83 -0.18
CA PRO C 101 15.45 -6.32 -0.75
C PRO C 101 15.60 -7.76 -1.19
N TYR C 102 14.53 -8.51 -1.00
CA TYR C 102 14.45 -9.94 -1.34
C TYR C 102 15.33 -10.83 -0.47
N ALA C 103 15.80 -10.31 0.65
CA ALA C 103 16.65 -11.09 1.55
C ALA C 103 16.00 -12.37 2.06
N ARG C 104 14.68 -12.35 2.26
CA ARG C 104 13.98 -13.56 2.67
C ARG C 104 13.97 -14.69 1.64
N GLN C 105 14.05 -14.35 0.37
CA GLN C 105 14.13 -15.36 -0.68
C GLN C 105 15.62 -15.66 -0.98
N ASP C 106 16.32 -16.29 -0.03
CA ASP C 106 17.76 -16.62 -0.14
C ASP C 106 18.04 -18.12 -0.38
N LYS C 107 17.00 -18.89 -0.69
CA LYS C 107 17.10 -20.31 -0.99
C LYS C 107 15.81 -20.74 -1.65
N LYS C 108 15.80 -21.96 -2.18
CA LYS C 108 14.62 -22.42 -2.92
C LYS C 108 13.43 -22.94 -2.09
N HIS C 109 13.61 -23.26 -0.80
CA HIS C 109 12.52 -23.80 0.05
C HIS C 109 11.91 -25.06 -0.52
N ARG C 110 12.75 -25.92 -1.08
CA ARG C 110 12.33 -27.14 -1.80
C ARG C 110 11.52 -26.85 -3.11
N GLY C 111 12.11 -26.02 -3.99
CA GLY C 111 11.76 -25.80 -5.46
C GLY C 111 10.39 -25.21 -5.69
N ARG C 112 9.92 -24.92 -6.90
CA ARG C 112 10.66 -24.51 -8.06
C ARG C 112 10.62 -22.99 -8.06
N GLU C 113 11.56 -22.39 -7.37
CA GLU C 113 11.53 -21.03 -7.01
C GLU C 113 12.81 -20.35 -7.48
N PRO C 114 12.81 -19.02 -7.48
CA PRO C 114 14.04 -18.27 -7.68
C PRO C 114 14.82 -18.10 -6.40
N ILE C 115 16.09 -17.75 -6.53
CA ILE C 115 16.84 -17.23 -5.41
C ILE C 115 16.99 -15.75 -5.64
N SER C 116 15.96 -15.03 -5.25
CA SER C 116 15.87 -13.61 -5.53
C SER C 116 16.92 -12.75 -4.89
N ALA C 117 17.37 -13.12 -3.71
CA ALA C 117 18.45 -12.38 -3.04
C ALA C 117 19.75 -12.45 -3.84
N ARG C 118 20.01 -13.57 -4.48
CA ARG C 118 21.18 -13.70 -5.35
C ARG C 118 20.98 -12.86 -6.64
N LEU C 119 19.76 -12.83 -7.16
CA LEU C 119 19.51 -12.05 -8.36
C LEU C 119 19.77 -10.60 -8.10
N VAL C 120 19.37 -10.10 -6.93
CA VAL C 120 19.59 -8.69 -6.59
C VAL C 120 21.07 -8.37 -6.62
N ALA C 121 21.88 -9.24 -6.05
CA ALA C 121 23.33 -8.98 -6.03
C ALA C 121 23.93 -8.98 -7.44
N ASP C 122 23.46 -9.86 -8.31
CA ASP C 122 23.90 -9.90 -9.70
C ASP C 122 23.49 -8.68 -10.50
N LEU C 123 22.26 -8.21 -10.30
CA LEU C 123 21.80 -7.01 -10.96
C LEU C 123 22.60 -5.78 -10.51
N LEU C 124 22.91 -5.66 -9.22
CA LEU C 124 23.76 -4.57 -8.71
C LEU C 124 25.16 -4.63 -9.32
N LYS C 125 25.71 -5.83 -9.50
CA LYS C 125 27.01 -6.01 -10.14
C LYS C 125 27.00 -5.60 -11.60
N THR C 126 25.96 -6.02 -12.33
CA THR C 126 25.81 -5.68 -13.73
C THR C 126 25.59 -4.19 -13.95
N ALA C 127 24.83 -3.53 -13.07
CA ALA C 127 24.66 -2.08 -13.13
C ALA C 127 25.94 -1.29 -12.95
N GLY C 128 26.91 -1.87 -12.24
CA GLY C 128 28.22 -1.26 -12.04
C GLY C 128 28.68 -1.10 -10.61
N ALA C 129 27.99 -1.69 -9.64
CA ALA C 129 28.41 -1.56 -8.24
C ALA C 129 29.65 -2.37 -7.96
N ASP C 130 30.56 -1.80 -7.20
CA ASP C 130 31.81 -2.44 -6.79
C ASP C 130 31.72 -2.99 -5.36
N ARG C 131 30.78 -2.48 -4.57
CA ARG C 131 30.67 -2.84 -3.17
C ARG C 131 29.21 -2.73 -2.77
N ILE C 132 28.80 -3.53 -1.80
CA ILE C 132 27.50 -3.44 -1.19
C ILE C 132 27.66 -3.28 0.31
N VAL C 133 26.89 -2.37 0.89
CA VAL C 133 26.84 -2.17 2.33
C VAL C 133 25.39 -2.39 2.75
N SER C 134 25.19 -3.21 3.77
CA SER C 134 23.85 -3.51 4.28
C SER C 134 23.84 -3.68 5.81
N VAL C 135 22.66 -3.62 6.42
CA VAL C 135 22.53 -3.71 7.86
C VAL C 135 21.67 -4.93 8.18
N ASP C 136 22.18 -5.81 9.03
CA ASP C 136 21.46 -7.00 9.52
C ASP C 136 20.69 -7.81 8.47
N LEU C 137 21.45 -8.37 7.54
CA LEU C 137 20.93 -9.30 6.56
C LEU C 137 20.15 -10.45 7.20
N HIS C 138 19.12 -10.90 6.50
CA HIS C 138 18.29 -11.97 6.97
C HIS C 138 19.13 -13.21 7.26
N THR C 139 20.10 -13.48 6.39
CA THR C 139 21.13 -14.47 6.69
C THR C 139 22.48 -13.90 6.33
N ASP C 140 23.49 -14.29 7.11
CA ASP C 140 24.83 -13.83 6.93
C ASP C 140 25.42 -14.33 5.60
N GLN C 141 24.94 -15.45 5.08
CA GLN C 141 25.47 -16.02 3.85
C GLN C 141 25.20 -15.20 2.62
N ILE C 142 24.24 -14.28 2.69
CA ILE C 142 23.98 -13.30 1.59
C ILE C 142 25.25 -12.51 1.22
N GLN C 143 26.13 -12.33 2.18
CA GLN C 143 27.43 -11.74 1.96
C GLN C 143 28.21 -12.45 0.79
N GLY C 144 28.06 -13.75 0.66
CA GLY C 144 28.64 -14.48 -0.45
C GLY C 144 27.96 -14.43 -1.80
N PHE C 145 26.83 -13.75 -1.88
CA PHE C 145 26.09 -13.65 -3.13
C PHE C 145 26.66 -12.65 -4.11
N PHE C 146 27.53 -11.75 -3.63
CA PHE C 146 28.07 -10.67 -4.43
C PHE C 146 29.55 -10.94 -4.67
N ASP C 147 29.99 -10.80 -5.92
CA ASP C 147 31.37 -11.05 -6.28
C ASP C 147 32.25 -9.81 -5.98
N GLY C 148 32.53 -9.56 -4.70
CA GLY C 148 33.19 -8.33 -4.31
C GLY C 148 32.96 -8.06 -2.83
N PRO C 149 33.53 -6.96 -2.30
CA PRO C 149 33.34 -6.63 -0.87
C PRO C 149 31.87 -6.35 -0.47
N VAL C 150 31.45 -6.92 0.65
CA VAL C 150 30.14 -6.68 1.21
C VAL C 150 30.33 -6.40 2.68
N ASP C 151 30.16 -5.15 3.08
CA ASP C 151 30.22 -4.77 4.50
C ASP C 151 28.86 -5.01 5.17
N HIS C 152 28.78 -6.01 6.04
CA HIS C 152 27.57 -6.39 6.70
C HIS C 152 27.56 -5.78 8.09
N MET C 153 26.85 -4.67 8.23
CA MET C 153 26.79 -3.95 9.50
C MET C 153 25.74 -4.49 10.46
N ARG C 154 26.06 -4.44 11.74
CA ARG C 154 25.16 -4.96 12.77
C ARG C 154 24.65 -3.88 13.69
N ALA C 155 23.36 -3.90 13.97
CA ALA C 155 22.72 -2.96 14.90
C ALA C 155 22.66 -3.49 16.34
N GLN C 156 23.21 -4.68 16.56
CA GLN C 156 23.18 -5.30 17.86
C GLN C 156 23.68 -4.42 19.02
N LYS C 157 24.85 -3.83 18.87
CA LYS C 157 25.39 -2.95 19.89
C LYS C 157 24.48 -1.78 20.18
N LEU C 158 23.92 -1.21 19.13
CA LEU C 158 22.98 -0.10 19.26
C LEU C 158 21.69 -0.49 20.02
N LEU C 159 21.09 -1.62 19.66
CA LEU C 159 19.85 -2.07 20.30
C LEU C 159 20.06 -2.57 21.73
N THR C 160 21.13 -3.32 21.99
CA THR C 160 21.39 -3.86 23.32
C THR C 160 21.90 -2.77 24.23
N GLY C 161 22.62 -1.80 23.70
CA GLY C 161 23.03 -0.63 24.48
C GLY C 161 21.81 0.13 25.03
N TYR C 162 20.79 0.30 24.22
CA TYR C 162 19.58 1.00 24.65
C TYR C 162 18.83 0.16 25.69
N ILE C 163 18.71 -1.13 25.45
CA ILE C 163 18.05 -2.03 26.39
C ILE C 163 18.80 -2.11 27.71
N GLY C 164 20.11 -2.15 27.65
CA GLY C 164 20.95 -2.10 28.84
C GLY C 164 20.73 -0.83 29.64
N GLU C 165 20.61 0.34 29.01
CA GLU C 165 20.36 1.58 29.75
C GLU C 165 19.05 1.51 30.51
N HIS C 166 17.99 1.03 29.86
CA HIS C 166 16.64 1.18 30.42
C HIS C 166 16.11 -0.03 31.17
N TYR C 167 16.70 -1.21 31.00
CA TYR C 167 16.20 -2.43 31.64
C TYR C 167 17.29 -3.22 32.37
N ALA C 168 18.40 -2.57 32.75
CA ALA C 168 19.46 -3.24 33.55
C ALA C 168 18.94 -3.78 34.89
N ASP C 169 17.97 -3.08 35.48
CA ASP C 169 17.37 -3.46 36.75
C ASP C 169 16.54 -4.75 36.67
N GLU C 170 16.10 -5.14 35.48
CA GLU C 170 15.21 -6.28 35.28
C GLU C 170 15.94 -7.61 35.21
N ASP C 171 15.14 -8.67 35.40
CA ASP C 171 15.59 -10.05 35.37
C ASP C 171 15.22 -10.56 33.98
N MET C 172 16.23 -10.62 33.10
CA MET C 172 16.01 -10.78 31.66
C MET C 172 16.17 -12.21 31.10
N VAL C 173 15.37 -12.51 30.09
CA VAL C 173 15.57 -13.68 29.25
C VAL C 173 15.46 -13.21 27.80
N VAL C 174 16.37 -13.66 26.96
CA VAL C 174 16.27 -13.37 25.54
C VAL C 174 15.49 -14.48 24.88
N VAL C 175 14.51 -14.11 24.04
CA VAL C 175 13.63 -15.08 23.41
C VAL C 175 13.64 -14.92 21.91
N SER C 176 13.81 -16.02 21.20
CA SER C 176 13.73 -16.02 19.75
C SER C 176 12.35 -16.47 19.31
N PRO C 177 11.73 -15.72 18.41
CA PRO C 177 10.33 -16.02 18.05
C PRO C 177 10.20 -17.24 17.15
N ASP C 178 11.31 -17.73 16.62
CA ASP C 178 11.30 -18.96 15.87
C ASP C 178 12.69 -19.58 15.83
N SER C 179 12.72 -20.80 15.32
CA SER C 179 13.95 -21.60 15.31
C SER C 179 15.10 -21.04 14.45
N GLY C 180 14.77 -20.25 13.43
CA GLY C 180 15.79 -19.63 12.58
C GLY C 180 16.68 -18.60 13.25
N ARG C 181 16.21 -17.93 14.30
CA ARG C 181 16.95 -16.79 14.89
C ARG C 181 17.65 -17.07 16.22
N VAL C 182 17.75 -18.33 16.59
CA VAL C 182 18.26 -18.65 17.91
C VAL C 182 19.72 -18.21 18.06
N ARG C 183 20.50 -18.31 16.99
CA ARG C 183 21.94 -17.97 17.07
C ARG C 183 22.16 -16.50 17.36
N VAL C 184 21.40 -15.64 16.71
CA VAL C 184 21.52 -14.21 16.97
C VAL C 184 21.04 -13.91 18.38
N ALA C 185 19.95 -14.55 18.78
CA ALA C 185 19.44 -14.40 20.14
C ALA C 185 20.48 -14.77 21.17
N GLU C 186 21.25 -15.82 20.88
CA GLU C 186 22.37 -16.25 21.71
C GLU C 186 23.43 -15.16 21.85
N LYS C 187 23.72 -14.48 20.76
CA LYS C 187 24.64 -13.33 20.80
C LYS C 187 24.14 -12.16 21.68
N TRP C 188 22.84 -11.90 21.62
CA TRP C 188 22.25 -10.85 22.44
C TRP C 188 22.31 -11.18 23.92
N ALA C 189 22.02 -12.43 24.26
CA ALA C 189 22.10 -12.86 25.66
C ALA C 189 23.49 -12.67 26.23
N ASP C 190 24.51 -12.94 25.42
CA ASP C 190 25.90 -12.68 25.81
C ASP C 190 26.18 -11.19 26.04
N SER C 191 25.71 -10.35 25.12
CA SER C 191 25.82 -8.87 25.23
C SER C 191 25.11 -8.29 26.44
N LEU C 192 24.02 -8.93 26.85
CA LEU C 192 23.24 -8.46 28.00
C LEU C 192 23.71 -9.03 29.37
N GLY C 193 24.91 -9.62 29.42
CA GLY C 193 25.49 -10.14 30.66
C GLY C 193 25.31 -11.63 30.92
N GLY C 194 25.16 -12.42 29.87
CA GLY C 194 25.04 -13.87 29.99
C GLY C 194 23.71 -14.32 30.58
N VAL C 195 22.61 -13.72 30.13
CA VAL C 195 21.28 -14.07 30.63
C VAL C 195 20.73 -15.31 29.90
N PRO C 196 19.69 -15.96 30.44
CA PRO C 196 19.17 -17.18 29.79
C PRO C 196 18.47 -16.94 28.47
N LEU C 197 18.17 -18.04 27.80
CA LEU C 197 17.70 -18.05 26.44
C LEU C 197 16.50 -18.96 26.29
N ALA C 198 15.56 -18.57 25.45
CA ALA C 198 14.36 -19.35 25.15
C ALA C 198 13.92 -19.10 23.73
N PHE C 199 13.09 -19.99 23.19
CA PHE C 199 12.55 -19.78 21.86
C PHE C 199 11.23 -20.49 21.64
N ILE C 200 10.49 -20.05 20.61
CA ILE C 200 9.20 -20.62 20.27
C ILE C 200 9.36 -21.75 19.26
N HIS C 201 8.95 -22.95 19.64
CA HIS C 201 9.03 -24.13 18.78
C HIS C 201 7.67 -24.29 18.10
N LYS C 202 7.67 -24.42 16.79
CA LYS C 202 6.47 -24.63 16.00
C LYS C 202 6.46 -26.00 15.37
N THR C 203 5.42 -26.76 15.67
CA THR C 203 5.25 -28.07 15.07
C THR C 203 4.28 -27.96 13.87
N ARG C 204 4.61 -28.59 12.75
CA ARG C 204 3.78 -28.56 11.53
C ARG C 204 3.26 -29.93 11.12
N SER C 214 0.75 -26.55 16.36
CA SER C 214 0.96 -26.06 17.72
C SER C 214 2.24 -25.19 17.97
N ASN C 215 2.24 -24.46 19.06
CA ASN C 215 3.33 -23.60 19.45
C ASN C 215 3.66 -23.82 20.89
N ARG C 216 4.94 -23.89 21.23
CA ARG C 216 5.38 -24.13 22.61
C ARG C 216 6.58 -23.27 22.92
N VAL C 217 6.71 -22.80 24.15
CA VAL C 217 7.90 -22.10 24.58
C VAL C 217 8.85 -23.13 25.10
N VAL C 218 10.11 -23.07 24.68
CA VAL C 218 11.14 -23.99 25.13
C VAL C 218 12.11 -23.14 25.94
N GLY C 219 12.21 -23.44 27.25
CA GLY C 219 12.94 -22.60 28.23
C GLY C 219 12.00 -22.01 29.28
N ASP C 220 12.55 -21.48 30.36
CA ASP C 220 11.74 -20.87 31.45
C ASP C 220 11.70 -19.32 31.37
N VAL C 221 10.49 -18.79 31.23
CA VAL C 221 10.27 -17.36 31.20
C VAL C 221 9.43 -16.83 32.35
N LYS C 222 8.92 -17.74 33.19
CA LYS C 222 8.00 -17.40 34.26
C LYS C 222 8.58 -16.31 35.17
N GLY C 223 7.85 -15.21 35.31
CA GLY C 223 8.29 -14.07 36.12
C GLY C 223 9.45 -13.25 35.57
N LYS C 224 9.82 -13.47 34.30
CA LYS C 224 10.97 -12.78 33.74
C LYS C 224 10.56 -11.71 32.75
N THR C 225 11.43 -10.72 32.54
CA THR C 225 11.30 -9.70 31.48
C THR C 225 11.89 -10.25 30.19
N CYS C 226 11.03 -10.57 29.22
CA CYS C 226 11.44 -11.18 27.98
C CYS C 226 11.85 -10.16 26.93
N ILE C 227 13.03 -10.35 26.33
CA ILE C 227 13.48 -9.55 25.20
C ILE C 227 13.25 -10.40 23.96
N LEU C 228 12.18 -10.12 23.25
CA LEU C 228 11.85 -10.84 22.03
C LEU C 228 12.61 -10.18 20.87
N THR C 229 13.51 -10.91 20.23
CA THR C 229 14.39 -10.31 19.25
C THR C 229 14.19 -10.92 17.85
N ASP C 230 14.05 -10.07 16.85
CA ASP C 230 13.94 -10.53 15.48
C ASP C 230 14.72 -9.60 14.55
N ASP C 231 15.08 -10.09 13.37
CA ASP C 231 15.67 -9.25 12.35
C ASP C 231 14.71 -8.17 11.82
N MET C 232 13.45 -8.52 11.57
CA MET C 232 12.48 -7.57 11.08
C MET C 232 11.12 -7.87 11.65
N ILE C 233 10.24 -6.89 11.60
CA ILE C 233 8.83 -7.10 11.87
C ILE C 233 8.10 -6.69 10.59
N ASP C 234 7.39 -7.64 9.96
CA ASP C 234 6.60 -7.33 8.76
C ASP C 234 5.12 -7.11 9.08
N THR C 235 4.33 -8.18 9.17
CA THR C 235 2.90 -8.06 9.48
C THR C 235 2.62 -8.10 10.98
N GLY C 236 3.60 -8.59 11.75
CA GLY C 236 3.48 -8.70 13.18
C GLY C 236 2.79 -9.99 13.65
N GLY C 237 2.52 -10.92 12.73
CA GLY C 237 1.76 -12.13 13.06
C GLY C 237 2.54 -13.06 13.97
N THR C 238 3.75 -13.41 13.54
CA THR C 238 4.65 -14.27 14.30
C THR C 238 5.05 -13.66 15.64
N ILE C 239 5.44 -12.39 15.64
CA ILE C 239 5.82 -11.71 16.85
C ILE C 239 4.66 -11.50 17.83
N ALA C 240 3.46 -11.14 17.36
CA ALA C 240 2.32 -11.01 18.28
C ALA C 240 1.98 -12.35 18.89
N GLY C 241 2.04 -13.41 18.09
CA GLY C 241 1.78 -14.76 18.57
C GLY C 241 2.72 -15.10 19.69
N ALA C 242 3.99 -14.72 19.53
CA ALA C 242 4.98 -14.98 20.54
C ALA C 242 4.75 -14.22 21.85
N VAL C 243 4.27 -13.00 21.76
CA VAL C 243 3.98 -12.22 22.94
C VAL C 243 2.91 -12.88 23.78
N ASN C 244 1.82 -13.31 23.12
CA ASN C 244 0.70 -13.95 23.76
C ASN C 244 1.11 -15.28 24.40
N LEU C 245 1.97 -16.02 23.72
CA LEU C 245 2.51 -17.27 24.27
C LEU C 245 3.37 -17.07 25.50
N LEU C 246 4.18 -16.01 25.49
CA LEU C 246 5.05 -15.73 26.64
C LEU C 246 4.22 -15.28 27.81
N ARG C 247 3.16 -14.54 27.50
CA ARG C 247 2.23 -14.02 28.47
C ARG C 247 1.52 -15.19 29.18
N GLU C 248 1.04 -16.14 28.40
CA GLU C 248 0.48 -17.37 28.91
C GLU C 248 1.43 -18.19 29.74
N ASP C 249 2.73 -18.06 29.52
CA ASP C 249 3.69 -18.82 30.28
C ASP C 249 4.22 -18.04 31.48
N GLY C 250 3.57 -16.92 31.80
CA GLY C 250 3.81 -16.20 33.05
C GLY C 250 4.93 -15.20 33.02
N ALA C 251 5.19 -14.61 31.86
CA ALA C 251 6.23 -13.57 31.73
C ALA C 251 5.76 -12.28 32.38
N LYS C 252 6.63 -11.64 33.12
CA LYS C 252 6.29 -10.36 33.76
C LYS C 252 6.07 -9.28 32.70
N ASP C 253 6.92 -9.27 31.70
CA ASP C 253 6.89 -8.32 30.63
C ASP C 253 7.57 -8.82 29.40
N VAL C 254 7.23 -8.14 28.31
CA VAL C 254 7.83 -8.43 27.03
C VAL C 254 8.29 -7.16 26.31
N ILE C 255 9.54 -7.17 25.86
CA ILE C 255 10.11 -6.11 25.04
C ILE C 255 10.50 -6.63 23.68
N ILE C 256 10.06 -5.94 22.64
CA ILE C 256 10.33 -6.34 21.28
C ILE C 256 11.42 -5.48 20.72
N ALA C 257 12.43 -6.11 20.13
CA ALA C 257 13.51 -5.39 19.49
C ALA C 257 13.83 -6.00 18.12
N ALA C 258 13.87 -5.17 17.10
CA ALA C 258 14.20 -5.61 15.75
C ALA C 258 14.92 -4.50 15.03
N THR C 259 15.77 -4.86 14.09
CA THR C 259 16.40 -3.86 13.26
C THR C 259 15.44 -3.20 12.28
N HIS C 260 14.71 -3.97 11.50
CA HIS C 260 13.94 -3.41 10.41
C HIS C 260 12.48 -3.36 10.71
N GLY C 261 11.91 -2.15 10.66
CA GLY C 261 10.48 -1.97 10.87
C GLY C 261 9.84 -1.83 9.53
N VAL C 262 9.36 -2.94 8.99
CA VAL C 262 8.66 -2.93 7.73
C VAL C 262 7.22 -2.55 8.04
N LEU C 263 6.68 -3.18 9.08
CA LEU C 263 5.42 -2.78 9.71
C LEU C 263 4.26 -2.59 8.75
N SER C 264 4.07 -3.56 7.90
CA SER C 264 3.00 -3.53 6.96
C SER C 264 1.67 -3.83 7.61
N ASP C 265 0.60 -3.39 6.96
CA ASP C 265 -0.78 -3.80 7.26
C ASP C 265 -1.23 -3.49 8.67
N PRO C 266 -1.62 -4.53 9.41
CA PRO C 266 -2.20 -4.43 10.73
C PRO C 266 -1.16 -4.53 11.83
N ALA C 267 0.13 -4.57 11.46
CA ALA C 267 1.17 -4.74 12.45
C ALA C 267 1.12 -3.67 13.52
N PRO C 268 0.92 -2.41 13.12
CA PRO C 268 0.87 -1.36 14.15
C PRO C 268 -0.29 -1.61 15.16
N GLN C 269 -1.48 -1.93 14.66
CA GLN C 269 -2.62 -2.20 15.51
C GLN C 269 -2.32 -3.43 16.35
N ARG C 270 -1.78 -4.41 15.67
CA ARG C 270 -1.50 -5.68 16.30
C ARG C 270 -0.51 -5.57 17.45
N LEU C 271 0.56 -4.83 17.22
CA LEU C 271 1.59 -4.67 18.24
C LEU C 271 1.16 -3.79 19.38
N ALA C 272 0.43 -2.72 19.07
CA ALA C 272 -0.08 -1.83 20.09
C ALA C 272 -1.06 -2.55 21.04
N GLU C 273 -1.82 -3.49 20.49
CA GLU C 273 -2.87 -4.20 21.25
C GLU C 273 -2.32 -5.39 21.97
N CYS C 274 -1.18 -5.91 21.53
CA CYS C 274 -0.59 -7.04 22.24
C CYS C 274 0.04 -6.49 23.52
N GLY C 275 0.40 -7.36 24.44
CA GLY C 275 0.86 -6.86 25.73
C GLY C 275 2.19 -6.11 25.80
N ALA C 276 2.94 -5.99 24.71
CA ALA C 276 4.32 -5.56 24.83
C ALA C 276 4.48 -4.17 25.39
N ARG C 277 5.41 -4.04 26.31
CA ARG C 277 5.70 -2.78 26.97
C ARG C 277 6.44 -1.81 26.03
N GLU C 278 7.34 -2.33 25.21
CA GLU C 278 8.09 -1.52 24.26
C GLU C 278 8.42 -2.26 22.99
N VAL C 279 8.45 -1.52 21.89
CA VAL C 279 8.88 -2.07 20.61
C VAL C 279 9.96 -1.15 20.12
N ILE C 280 11.15 -1.68 19.90
CA ILE C 280 12.31 -0.90 19.50
C ILE C 280 12.75 -1.31 18.10
N VAL C 281 12.84 -0.33 17.21
CA VAL C 281 13.33 -0.53 15.83
C VAL C 281 14.33 0.55 15.45
N THR C 282 15.04 0.33 14.35
CA THR C 282 15.90 1.36 13.76
C THR C 282 15.16 1.97 12.59
N ASN C 283 15.75 3.01 12.03
CA ASN C 283 15.18 3.68 10.87
C ASN C 283 15.85 3.27 9.54
N THR C 284 16.16 1.99 9.38
CA THR C 284 16.65 1.51 8.10
C THR C 284 15.58 1.72 7.05
N LEU C 285 14.32 1.65 7.46
CA LEU C 285 13.17 1.98 6.64
C LEU C 285 12.53 3.19 7.20
N PRO C 286 11.84 3.98 6.37
CA PRO C 286 11.21 5.18 6.94
C PRO C 286 9.99 4.78 7.75
N ILE C 287 9.89 5.26 8.97
CA ILE C 287 8.75 4.93 9.82
C ILE C 287 7.77 6.10 9.69
N THR C 288 6.80 5.96 8.80
CA THR C 288 5.82 7.01 8.57
C THR C 288 4.82 7.05 9.72
N GLU C 289 3.99 8.10 9.70
CA GLU C 289 3.10 8.36 10.81
C GLU C 289 1.97 7.32 10.90
N ASP C 290 1.61 6.70 9.79
CA ASP C 290 0.69 5.54 9.84
C ASP C 290 1.21 4.29 10.56
N LYS C 291 2.53 4.14 10.64
CA LYS C 291 3.13 2.97 11.29
C LYS C 291 3.41 3.21 12.77
N ARG C 292 3.26 4.44 13.22
CA ARG C 292 3.61 4.77 14.59
C ARG C 292 2.55 4.35 15.58
N PHE C 293 3.01 4.10 16.81
CA PHE C 293 2.16 3.79 17.97
C PHE C 293 2.92 4.09 19.27
N PRO C 294 2.20 4.14 20.41
CA PRO C 294 2.85 4.70 21.62
C PRO C 294 4.05 3.91 22.17
N GLN C 295 3.98 2.58 22.09
CA GLN C 295 5.10 1.72 22.57
C GLN C 295 6.34 1.75 21.65
N LEU C 296 6.20 2.27 20.44
CA LEU C 296 7.26 2.33 19.46
C LEU C 296 8.36 3.33 19.71
N THR C 297 9.60 2.87 19.67
CA THR C 297 10.77 3.69 19.77
C THR C 297 11.61 3.47 18.54
N VAL C 298 12.08 4.55 17.93
CA VAL C 298 12.93 4.44 16.75
C VAL C 298 14.32 4.98 17.06
N LEU C 299 15.35 4.17 16.87
CA LEU C 299 16.74 4.64 17.01
C LEU C 299 17.32 4.88 15.63
N SER C 300 18.22 5.85 15.52
CA SER C 300 18.83 6.15 14.23
C SER C 300 19.97 5.18 13.88
N ILE C 301 19.96 4.66 12.66
CA ILE C 301 21.09 3.91 12.08
C ILE C 301 22.13 4.82 11.39
N ALA C 302 21.88 6.12 11.37
CA ALA C 302 22.74 7.04 10.61
C ALA C 302 24.19 7.07 11.06
N PRO C 303 24.45 7.12 12.39
CA PRO C 303 25.86 7.16 12.81
C PRO C 303 26.67 5.94 12.36
N LEU C 304 26.04 4.78 12.42
CA LEU C 304 26.65 3.54 11.96
C LEU C 304 26.93 3.58 10.44
N LEU C 305 25.95 4.04 9.67
CA LEU C 305 26.16 4.20 8.23
C LEU C 305 27.25 5.22 7.91
N ALA C 306 27.28 6.35 8.61
CA ALA C 306 28.31 7.35 8.38
C ALA C 306 29.72 6.82 8.69
N ASN C 307 29.88 6.10 9.79
CA ASN C 307 31.18 5.48 10.10
C ASN C 307 31.66 4.46 9.08
N THR C 308 30.72 3.66 8.54
CA THR C 308 31.08 2.70 7.51
C THR C 308 31.51 3.39 6.23
N ILE C 309 30.77 4.40 5.80
CA ILE C 309 31.14 5.18 4.59
C ILE C 309 32.54 5.81 4.76
N ARG C 310 32.80 6.38 5.93
CA ARG C 310 34.07 7.04 6.20
C ARG C 310 35.23 6.04 6.12
N ALA C 311 35.05 4.86 6.71
CA ALA C 311 36.07 3.80 6.66
C ALA C 311 36.29 3.27 5.26
N VAL C 312 35.23 3.07 4.49
CA VAL C 312 35.35 2.61 3.10
C VAL C 312 36.08 3.66 2.30
N PHE C 313 35.66 4.91 2.46
CA PHE C 313 36.28 6.03 1.74
C PHE C 313 37.74 6.27 2.10
N GLU C 314 38.04 6.31 3.41
CA GLU C 314 39.38 6.56 3.94
C GLU C 314 40.34 5.39 3.89
N ASN C 315 39.97 4.20 3.35
CA ASN C 315 40.81 2.99 3.50
C ASN C 315 41.09 2.76 4.98
N GLY C 316 40.00 2.83 5.78
CA GLY C 316 40.07 2.79 7.23
C GLY C 316 39.67 1.35 7.51
C ACT D . 2.99 12.42 -25.34
O ACT D . 2.13 12.06 -26.22
OXT ACT D . 2.93 12.04 -24.14
CH3 ACT D . 4.13 13.35 -25.64
C ACT E . -9.92 1.10 13.94
O ACT E . -10.07 2.21 13.34
OXT ACT E . -9.04 0.87 14.83
CH3 ACT E . -10.85 -0.03 13.60
C ACT F . 5.89 -11.59 10.53
O ACT F . 5.80 -10.82 9.55
OXT ACT F . 6.32 -11.23 11.68
CH3 ACT F . 5.42 -12.98 10.20
#